data_6CWE
#
_entry.id   6CWE
#
_cell.length_a   78.180
_cell.length_b   190.168
_cell.length_c   150.965
_cell.angle_alpha   90.000
_cell.angle_beta   90.000
_cell.angle_gamma   90.000
#
_symmetry.space_group_name_H-M   'C 2 2 21'
#
loop_
_entity.id
_entity.type
_entity.pdbx_description
1 polymer 'Antigen-presenting glycoprotein CD1d1'
2 polymer Beta-2-microglobulin
3 polymer 'Chimeric T cell antigen receptor alpha chain Va14,Va24,Ja18'
4 polymer 'Chimeric T cell antigen receptor beta chain Vb8.2, vb11'
5 branched 2-acetamido-2-deoxy-beta-D-glucopyranose-(1-4)-2-acetamido-2-deoxy-beta-D-glucopyranose
6 branched 2-acetamido-2-deoxy-beta-D-glucopyranose-(1-4)-[alpha-L-fucopyranose-(1-6)]2-acetamido-2-deoxy-beta-D-glucopyranose
7 non-polymer 2-acetamido-2-deoxy-beta-D-glucopyranose
8 non-polymer (5R,6S,7S)-5,6-dihydroxy-7-(octanoylamino)-N-(6-phenylhexyl)-8-{[(2S,3R,4S,5R,6R)-3,4,5-trihydroxy-6-(hydroxymethyl)tetrahydro-2H-pyran-2-yl]oxy}octanamide
9 non-polymer 'PALMITIC ACID'
10 water water
#
loop_
_entity_poly.entity_id
_entity_poly.type
_entity_poly.pdbx_seq_one_letter_code
_entity_poly.pdbx_strand_id
1 'polypeptide(L)'
;SEAQQKNYTFRCLQMSSFANRSWSRTDSVVWLGDLQTHRWSNDSATISFTKPWSQGKLSNQQWEKLQHMFQVYRVSFTRD
IQELVKMMSPKEDYPIEIQLSAGCEMYPGNASESFLHVAFQGKYVVRFWGTSWQTVPGAPSWLDLPIKVLNADQGTSATV
QMLLNDTCPLFVRGLLEAGKSDLEKQEKPVAWLSSVPSSAHGHRQLVCHVSGFYPKPVWVMWMRGDQEQQGTHRGDFLPN
ADETWYLQATLDVEAGEEAGLACRVKHSSLGGQDIILYWHHHHHH
;
A
2 'polypeptide(L)'
;IQKTPQIQVYSRHPPENGKPNILNCYVTQFHPPHIEIQMLKNGKKIPKVEMSDMSFSKDWSFYILAHTEFTPTETDTYAC
RVKHASMAEPKTVYWDRDM
;
B
3 'polypeptide(L)'
;MKTQVEQSPQSLVVRQGENCVLQCNYSVTPDNHLRWFKQDTGKGLVSLTVLVDQKDKTSNGRYSATLDKDAKHSTLHITA
TLLDDTATYICVVGDRGSALGRLHFGAGTQLIVIPDIQNPDPAVYQLRDSKSSDKSVCLFTDFDSQTNVSQSKDSDVYIT
DKCVLDMRSMDFKSNSAVAWSNKSDFACANAFNNSIIPEDTFFPSPESS
;
C
4 'polypeptide(L)'
;MEAAVTQSPRNKVAVTGGKVTLSCNQTNNHNNMYWYRQDTGHGLRLIHYSYGAGSTEKGDIPDGYKASRPSQENFSLILE
LATPSQTSVYFCASGDEGYTQYFGPGTRLLVLEDLRNVTPPKVSLFEPSKAEISHTQKATLVCLATGFYPDHVELSWWVN
GKEVHSGVCTDPQPLKEQPALNDSRYSLSSRLRVSATFWQNPRNHFRCQVQFYGLSENDEWTQDRAKPVTQIVSAEAWGR
A
;
D
#
loop_
_chem_comp.id
_chem_comp.type
_chem_comp.name
_chem_comp.formula
7LP non-polymer (5R,6S,7S)-5,6-dihydroxy-7-(octanoylamino)-N-(6-phenylhexyl)-8-{[(2S,3R,4S,5R,6R)-3,4,5-trihydroxy-6-(hydroxymethyl)tetrahydro-2H-pyran-2-yl]oxy}octanamide 'C34 H58 N2 O10'
FUC L-saccharide, alpha linking alpha-L-fucopyranose 'C6 H12 O5'
NAG D-saccharide, beta linking 2-acetamido-2-deoxy-beta-D-glucopyranose 'C8 H15 N O6'
PLM non-polymer 'PALMITIC ACID' 'C16 H32 O2'
#
# COMPACT_ATOMS: atom_id res chain seq x y z
N ASN A 7 36.63 -0.92 -22.78
CA ASN A 7 35.35 -0.15 -22.90
C ASN A 7 34.10 -1.07 -22.78
N TYR A 8 33.56 -1.18 -21.57
CA TYR A 8 32.58 -2.21 -21.21
C TYR A 8 31.24 -1.63 -20.76
N THR A 9 30.16 -2.26 -21.20
CA THR A 9 28.80 -1.87 -20.83
C THR A 9 28.17 -2.95 -19.96
N PHE A 10 27.74 -2.54 -18.78
CA PHE A 10 27.06 -3.37 -17.80
C PHE A 10 25.55 -3.14 -17.95
N ARG A 11 24.80 -4.22 -18.22
CA ARG A 11 23.36 -4.17 -18.48
C ARG A 11 22.57 -5.12 -17.58
N CYS A 12 21.68 -4.58 -16.76
CA CYS A 12 20.69 -5.36 -16.04
C CYS A 12 19.45 -5.30 -16.88
N LEU A 13 19.00 -6.45 -17.36
CA LEU A 13 17.84 -6.51 -18.24
C LEU A 13 16.72 -7.21 -17.52
N GLN A 14 15.59 -6.51 -17.37
CA GLN A 14 14.44 -7.06 -16.67
C GLN A 14 13.26 -7.08 -17.62
N MET A 15 12.54 -8.20 -17.62
CA MET A 15 11.40 -8.38 -18.49
C MET A 15 10.25 -8.92 -17.66
N SER A 16 9.12 -8.25 -17.74
CA SER A 16 7.96 -8.67 -16.98
C SER A 16 6.74 -8.77 -17.89
N SER A 17 5.99 -9.84 -17.71
CA SER A 17 4.73 -10.06 -18.43
C SER A 17 3.57 -10.12 -17.44
N PHE A 18 2.60 -9.24 -17.63
CA PHE A 18 1.34 -9.26 -16.86
C PHE A 18 0.23 -9.74 -17.79
N ALA A 19 -0.27 -10.96 -17.57
CA ALA A 19 -1.29 -11.56 -18.44
C ALA A 19 -2.70 -11.02 -18.16
N ASN A 20 -3.00 -10.79 -16.89
CA ASN A 20 -4.30 -10.28 -16.43
C ASN A 20 -4.11 -9.70 -15.02
N ARG A 21 -5.20 -9.31 -14.33
CA ARG A 21 -5.09 -8.67 -13.01
C ARG A 21 -4.39 -9.50 -11.92
N SER A 22 -4.36 -10.83 -12.04
CA SER A 22 -3.73 -11.69 -11.02
C SER A 22 -2.38 -12.33 -11.42
N TRP A 23 -2.24 -12.76 -12.67
CA TRP A 23 -1.03 -13.48 -13.15
C TRP A 23 0.07 -12.55 -13.69
N SER A 24 1.28 -12.74 -13.17
CA SER A 24 2.44 -12.01 -13.67
C SER A 24 3.74 -12.79 -13.38
N ARG A 25 4.80 -12.44 -14.10
CA ARG A 25 6.15 -12.89 -13.75
C ARG A 25 7.17 -11.84 -14.15
N THR A 26 8.29 -11.80 -13.41
CA THR A 26 9.41 -10.91 -13.70
C THR A 26 10.69 -11.76 -13.64
N ASP A 27 11.52 -11.63 -14.69
CA ASP A 27 12.79 -12.35 -14.81
C ASP A 27 13.88 -11.37 -15.24
N SER A 28 15.11 -11.59 -14.77
CA SER A 28 16.22 -10.74 -15.21
C SER A 28 17.52 -11.47 -15.42
N VAL A 29 18.33 -10.90 -16.29
CA VAL A 29 19.68 -11.36 -16.59
C VAL A 29 20.61 -10.16 -16.56
N VAL A 30 21.87 -10.39 -16.25
CA VAL A 30 22.83 -9.31 -16.15
C VAL A 30 24.01 -9.65 -17.02
N TRP A 31 24.40 -8.67 -17.86
CA TRP A 31 25.50 -8.83 -18.79
C TRP A 31 26.60 -7.81 -18.48
N LEU A 32 27.85 -8.26 -18.53
CA LEU A 32 29.00 -7.36 -18.57
C LEU A 32 29.66 -7.61 -19.92
N GLY A 33 29.50 -6.67 -20.85
CA GLY A 33 29.84 -6.89 -22.26
C GLY A 33 28.89 -7.94 -22.82
N ASP A 34 29.46 -9.00 -23.40
CA ASP A 34 28.70 -10.15 -23.85
C ASP A 34 28.81 -11.39 -22.91
N LEU A 35 29.29 -11.19 -21.67
CA LEU A 35 29.33 -12.26 -20.66
C LEU A 35 28.27 -12.11 -19.56
N GLN A 36 27.50 -13.16 -19.32
CA GLN A 36 26.43 -13.13 -18.31
C GLN A 36 27.01 -13.26 -16.91
N THR A 37 26.64 -12.32 -16.04
CA THR A 37 27.12 -12.30 -14.67
C THR A 37 26.08 -12.71 -13.65
N HIS A 38 24.79 -12.46 -13.92
CA HIS A 38 23.73 -12.83 -12.98
C HIS A 38 22.46 -13.31 -13.67
N ARG A 39 21.65 -14.04 -12.92
CA ARG A 39 20.36 -14.51 -13.37
C ARG A 39 19.41 -14.39 -12.19
N TRP A 40 18.20 -13.89 -12.44
CA TRP A 40 17.18 -13.88 -11.42
C TRP A 40 15.83 -14.25 -12.02
N SER A 41 15.55 -15.54 -11.94
CA SER A 41 14.29 -16.12 -12.39
C SER A 41 13.16 -15.71 -11.44
N ASN A 42 11.95 -15.61 -11.96
CA ASN A 42 10.76 -15.41 -11.10
C ASN A 42 10.59 -16.51 -10.05
N ASP A 43 11.02 -17.73 -10.39
CA ASP A 43 10.93 -18.91 -9.51
C ASP A 43 11.84 -18.80 -8.29
N SER A 44 12.89 -17.97 -8.37
CA SER A 44 13.90 -17.87 -7.32
C SER A 44 13.65 -16.69 -6.39
N ALA A 45 13.88 -16.92 -5.11
CA ALA A 45 13.82 -15.89 -4.08
C ALA A 45 15.06 -14.98 -4.12
N THR A 46 16.16 -15.51 -4.65
CA THR A 46 17.45 -14.85 -4.64
C THR A 46 18.03 -14.72 -6.05
N ILE A 47 18.84 -13.68 -6.21
CA ILE A 47 19.65 -13.47 -7.43
C ILE A 47 20.76 -14.49 -7.41
N SER A 48 21.02 -15.13 -8.55
CA SER A 48 22.07 -16.14 -8.66
C SER A 48 23.27 -15.62 -9.45
N PHE A 49 24.46 -15.89 -8.93
CA PHE A 49 25.70 -15.62 -9.63
C PHE A 49 25.87 -16.63 -10.76
N THR A 50 26.21 -16.15 -11.96
CA THR A 50 26.55 -17.04 -13.08
C THR A 50 28.06 -17.05 -13.39
N LYS A 51 28.85 -16.35 -12.58
CA LYS A 51 30.31 -16.45 -12.63
C LYS A 51 30.85 -16.52 -11.20
N PRO A 52 32.07 -17.06 -11.01
CA PRO A 52 32.72 -17.01 -9.68
C PRO A 52 32.91 -15.60 -9.11
N TRP A 53 33.13 -14.66 -10.01
CA TRP A 53 33.46 -13.27 -9.65
C TRP A 53 32.24 -12.33 -9.65
N SER A 54 31.02 -12.86 -9.76
CA SER A 54 29.80 -12.04 -9.90
C SER A 54 29.47 -11.12 -8.71
N GLN A 55 30.02 -11.43 -7.53
CA GLN A 55 29.90 -10.54 -6.39
C GLN A 55 30.85 -9.34 -6.48
N GLY A 56 31.79 -9.35 -7.43
CA GLY A 56 32.72 -8.24 -7.62
C GLY A 56 33.63 -8.09 -6.42
N LYS A 57 33.89 -6.84 -6.02
CA LYS A 57 34.65 -6.53 -4.81
C LYS A 57 33.71 -6.12 -3.66
N LEU A 58 32.42 -6.46 -3.74
CA LEU A 58 31.52 -6.20 -2.62
C LEU A 58 31.74 -7.22 -1.52
N SER A 59 31.70 -6.74 -0.28
CA SER A 59 31.67 -7.63 0.88
C SER A 59 30.33 -8.35 0.92
N ASN A 60 30.26 -9.40 1.72
CA ASN A 60 29.01 -10.18 1.83
C ASN A 60 27.86 -9.35 2.38
N GLN A 61 28.18 -8.44 3.29
CA GLN A 61 27.20 -7.55 3.88
C GLN A 61 26.64 -6.57 2.83
N GLN A 62 27.52 -5.98 2.03
CA GLN A 62 27.10 -5.08 0.96
C GLN A 62 26.25 -5.78 -0.10
N TRP A 63 26.67 -6.99 -0.50
CA TRP A 63 25.89 -7.82 -1.43
C TRP A 63 24.52 -8.19 -0.84
N GLU A 64 24.50 -8.64 0.42
CA GLU A 64 23.24 -9.02 1.10
C GLU A 64 22.26 -7.87 1.09
N LYS A 65 22.77 -6.68 1.41
CA LYS A 65 21.97 -5.44 1.43
C LYS A 65 21.37 -5.10 0.07
N LEU A 66 22.20 -5.21 -0.96
CA LEU A 66 21.80 -4.91 -2.33
C LEU A 66 20.73 -5.91 -2.81
N GLN A 67 20.97 -7.20 -2.55
CA GLN A 67 19.99 -8.23 -2.91
C GLN A 67 18.66 -8.03 -2.20
N HIS A 68 18.69 -7.67 -0.92
CA HIS A 68 17.47 -7.37 -0.17
C HIS A 68 16.67 -6.21 -0.81
N MET A 69 17.36 -5.14 -1.16
CA MET A 69 16.73 -4.03 -1.86
C MET A 69 16.05 -4.54 -3.14
N PHE A 70 16.75 -5.35 -3.92
CA PHE A 70 16.17 -5.92 -5.13
C PHE A 70 14.99 -6.84 -4.86
N GLN A 71 15.06 -7.62 -3.78
CA GLN A 71 13.92 -8.47 -3.38
C GLN A 71 12.67 -7.64 -3.07
N VAL A 72 12.85 -6.57 -2.32
CA VAL A 72 11.75 -5.65 -1.99
C VAL A 72 11.24 -5.00 -3.28
N TYR A 73 12.16 -4.58 -4.14
CA TYR A 73 11.82 -4.00 -5.44
C TYR A 73 10.91 -4.86 -6.30
N ARG A 74 11.25 -6.13 -6.47
CA ARG A 74 10.48 -6.98 -7.36
C ARG A 74 9.00 -7.11 -6.95
N VAL A 75 8.77 -7.29 -5.66
CA VAL A 75 7.41 -7.39 -5.10
C VAL A 75 6.67 -6.05 -5.23
N SER A 76 7.38 -4.96 -4.93
CA SER A 76 6.80 -3.63 -4.98
C SER A 76 6.48 -3.21 -6.39
N PHE A 77 7.46 -3.41 -7.28
CA PHE A 77 7.29 -3.20 -8.72
C PHE A 77 6.04 -3.88 -9.28
N THR A 78 5.88 -5.16 -8.98
CA THR A 78 4.76 -5.96 -9.46
C THR A 78 3.42 -5.33 -9.05
N ARG A 79 3.28 -4.99 -7.79
CA ARG A 79 2.05 -4.37 -7.32
C ARG A 79 1.86 -2.98 -7.91
N ASP A 80 2.94 -2.20 -8.03
CA ASP A 80 2.86 -0.86 -8.61
C ASP A 80 2.33 -0.86 -10.03
N ILE A 81 2.80 -1.80 -10.86
CA ILE A 81 2.32 -1.89 -12.23
C ILE A 81 0.82 -2.18 -12.19
N GLN A 82 0.43 -3.23 -11.46
CA GLN A 82 -0.99 -3.58 -11.28
C GLN A 82 -1.84 -2.38 -10.85
N GLU A 83 -1.31 -1.58 -9.92
CA GLU A 83 -2.05 -0.41 -9.44
C GLU A 83 -2.08 0.67 -10.50
N LEU A 84 -0.98 0.87 -11.23
CA LEU A 84 -0.96 1.88 -12.30
C LEU A 84 -1.94 1.54 -13.43
N VAL A 85 -2.09 0.25 -13.74
CA VAL A 85 -3.10 -0.22 -14.69
C VAL A 85 -4.51 0.18 -14.24
N LYS A 86 -4.86 -0.13 -12.99
CA LYS A 86 -6.14 0.28 -12.39
C LYS A 86 -6.34 1.78 -12.44
N MET A 87 -5.27 2.53 -12.18
CA MET A 87 -5.34 3.99 -12.19
C MET A 87 -5.65 4.55 -13.59
N MET A 88 -5.10 3.93 -14.63
CA MET A 88 -5.30 4.39 -16.01
C MET A 88 -6.49 3.79 -16.74
N SER A 89 -7.04 2.67 -16.24
CA SER A 89 -8.16 2.00 -16.92
C SER A 89 -9.31 3.01 -17.17
N PRO A 90 -9.98 2.93 -18.33
CA PRO A 90 -9.82 1.84 -19.30
C PRO A 90 -8.83 2.13 -20.45
N LYS A 91 -7.82 2.97 -20.20
CA LYS A 91 -6.88 3.40 -21.24
C LYS A 91 -5.98 2.24 -21.67
N GLU A 92 -5.40 1.51 -20.71
CA GLU A 92 -4.58 0.35 -21.02
C GLU A 92 -5.12 -0.88 -20.35
N ASP A 93 -5.12 -1.98 -21.11
CA ASP A 93 -5.54 -3.26 -20.59
C ASP A 93 -4.43 -4.30 -20.76
N TYR A 94 -4.55 -5.38 -20.01
CA TYR A 94 -3.73 -6.56 -20.13
C TYR A 94 -3.97 -7.25 -21.49
N PRO A 95 -3.02 -8.02 -22.03
CA PRO A 95 -1.70 -8.28 -21.45
C PRO A 95 -0.73 -7.10 -21.55
N ILE A 96 0.19 -6.99 -20.59
CA ILE A 96 1.16 -5.92 -20.55
C ILE A 96 2.55 -6.51 -20.45
N GLU A 97 3.47 -5.95 -21.23
CA GLU A 97 4.87 -6.32 -21.23
C GLU A 97 5.67 -5.08 -20.81
N ILE A 98 6.49 -5.23 -19.78
CA ILE A 98 7.38 -4.16 -19.36
C ILE A 98 8.82 -4.67 -19.42
N GLN A 99 9.68 -3.89 -20.06
CA GLN A 99 11.12 -4.19 -20.08
C GLN A 99 11.91 -3.04 -19.48
N LEU A 100 12.89 -3.36 -18.64
CA LEU A 100 13.81 -2.36 -18.10
C LEU A 100 15.20 -2.75 -18.53
N SER A 101 15.97 -1.76 -18.96
CA SER A 101 17.37 -1.93 -19.23
C SER A 101 18.07 -0.86 -18.41
N ALA A 102 18.92 -1.29 -17.50
CA ALA A 102 19.55 -0.39 -16.56
C ALA A 102 21.00 -0.80 -16.34
N GLY A 103 21.85 0.19 -16.12
CA GLY A 103 23.25 -0.09 -15.86
C GLY A 103 24.12 1.11 -16.14
N CYS A 104 25.38 0.84 -16.45
CA CYS A 104 26.36 1.89 -16.69
C CYS A 104 27.39 1.47 -17.74
N GLU A 105 27.81 2.45 -18.55
CA GLU A 105 28.89 2.25 -19.52
C GLU A 105 30.18 2.81 -18.94
N MET A 106 31.23 1.99 -18.91
CA MET A 106 32.49 2.34 -18.24
C MET A 106 33.55 2.75 -19.26
N TYR A 107 34.02 3.99 -19.14
CA TYR A 107 35.10 4.54 -19.97
C TYR A 107 36.38 4.52 -19.12
N PRO A 108 37.55 4.91 -19.70
CA PRO A 108 38.77 4.79 -18.90
C PRO A 108 38.89 5.94 -17.90
N GLY A 109 39.77 5.75 -16.92
CA GLY A 109 39.92 6.68 -15.81
C GLY A 109 38.84 6.40 -14.79
N ASN A 110 38.19 7.45 -14.32
CA ASN A 110 37.06 7.35 -13.39
C ASN A 110 35.73 7.66 -14.09
N ALA A 111 35.69 7.62 -15.42
CA ALA A 111 34.54 8.10 -16.18
C ALA A 111 33.51 7.00 -16.49
N SER A 112 32.24 7.35 -16.29
CA SER A 112 31.12 6.48 -16.68
C SER A 112 29.83 7.28 -16.90
N GLU A 113 28.88 6.66 -17.58
CA GLU A 113 27.53 7.19 -17.72
C GLU A 113 26.51 6.07 -17.46
N SER A 114 25.51 6.34 -16.62
CA SER A 114 24.50 5.35 -16.25
C SER A 114 23.21 5.59 -16.98
N PHE A 115 22.36 4.57 -17.02
CA PHE A 115 21.06 4.64 -17.71
C PHE A 115 20.03 3.75 -17.04
N LEU A 116 18.77 4.10 -17.20
CA LEU A 116 17.64 3.27 -16.77
C LEU A 116 16.49 3.58 -17.74
N HIS A 117 16.28 2.68 -18.70
CA HIS A 117 15.32 2.84 -19.78
C HIS A 117 14.22 1.81 -19.66
N VAL A 118 12.98 2.25 -19.93
CA VAL A 118 11.81 1.42 -19.74
C VAL A 118 11.02 1.34 -21.04
N ALA A 119 10.69 0.11 -21.47
CA ALA A 119 9.81 -0.12 -22.62
C ALA A 119 8.47 -0.74 -22.20
N PHE A 120 7.41 -0.27 -22.86
CA PHE A 120 6.04 -0.68 -22.59
C PHE A 120 5.45 -1.22 -23.89
N GLN A 121 5.01 -2.49 -23.88
CA GLN A 121 4.56 -3.18 -25.09
C GLN A 121 5.61 -3.14 -26.20
N GLY A 122 6.88 -3.25 -25.84
CA GLY A 122 7.99 -3.29 -26.80
C GLY A 122 8.53 -1.94 -27.25
N LYS A 123 7.98 -0.85 -26.72
CA LYS A 123 8.38 0.49 -27.15
C LYS A 123 8.97 1.27 -25.98
N TYR A 124 10.16 1.82 -26.21
CA TYR A 124 10.83 2.70 -25.25
C TYR A 124 9.94 3.94 -25.00
N VAL A 125 9.54 4.16 -23.75
CA VAL A 125 8.66 5.27 -23.38
C VAL A 125 9.12 6.10 -22.16
N VAL A 126 9.91 5.52 -21.25
CA VAL A 126 10.26 6.17 -19.99
C VAL A 126 11.74 5.97 -19.66
N ARG A 127 12.36 7.00 -19.08
CA ARG A 127 13.68 6.84 -18.48
C ARG A 127 13.77 7.52 -17.13
N PHE A 128 14.75 7.14 -16.33
CA PHE A 128 15.17 7.96 -15.21
C PHE A 128 16.33 8.80 -15.70
N TRP A 129 16.26 10.09 -15.45
CA TRP A 129 17.30 11.04 -15.88
C TRP A 129 17.43 12.15 -14.83
N GLY A 130 18.65 12.33 -14.33
CA GLY A 130 18.92 13.33 -13.32
C GLY A 130 18.37 12.96 -11.94
N THR A 131 17.21 13.52 -11.61
CA THR A 131 16.57 13.31 -10.32
C THR A 131 15.16 12.75 -10.45
N SER A 132 14.73 12.38 -11.66
CA SER A 132 13.33 12.04 -11.85
C SER A 132 13.03 11.16 -13.06
N TRP A 133 11.85 10.55 -13.01
CA TRP A 133 11.31 9.80 -14.14
C TRP A 133 10.76 10.80 -15.15
N GLN A 134 10.96 10.50 -16.43
CA GLN A 134 10.38 11.28 -17.51
C GLN A 134 10.02 10.39 -18.68
N THR A 135 9.05 10.84 -19.47
CA THR A 135 8.78 10.22 -20.74
C THR A 135 9.78 10.74 -21.76
N VAL A 136 9.91 10.00 -22.85
CA VAL A 136 10.84 10.35 -23.92
C VAL A 136 10.00 10.67 -25.17
N PRO A 137 10.64 11.29 -26.20
CA PRO A 137 9.89 11.62 -27.43
C PRO A 137 9.17 10.42 -28.03
N GLY A 138 7.90 10.64 -28.40
CA GLY A 138 7.04 9.60 -28.96
C GLY A 138 6.13 8.90 -27.98
N ALA A 139 6.33 9.14 -26.68
CA ALA A 139 5.54 8.46 -25.64
C ALA A 139 4.14 9.01 -25.59
N PRO A 140 3.14 8.15 -25.31
CA PRO A 140 1.78 8.68 -25.20
C PRO A 140 1.59 9.60 -23.98
N SER A 141 0.66 10.54 -24.11
CA SER A 141 0.41 11.52 -23.06
C SER A 141 -0.19 10.96 -21.78
N TRP A 142 -0.93 9.86 -21.85
CA TRP A 142 -1.55 9.26 -20.65
C TRP A 142 -0.52 8.86 -19.57
N LEU A 143 0.72 8.64 -20.00
CA LEU A 143 1.84 8.34 -19.11
C LEU A 143 2.24 9.48 -18.16
N ASP A 144 1.86 10.72 -18.45
CA ASP A 144 2.12 11.82 -17.52
C ASP A 144 1.60 11.58 -16.10
N LEU A 145 0.49 10.85 -15.96
CA LEU A 145 -0.04 10.53 -14.64
C LEU A 145 0.87 9.51 -13.89
N PRO A 146 1.17 8.35 -14.48
CA PRO A 146 2.20 7.47 -13.90
C PRO A 146 3.51 8.17 -13.54
N ILE A 147 4.00 9.05 -14.42
CA ILE A 147 5.22 9.79 -14.13
C ILE A 147 5.08 10.66 -12.88
N LYS A 148 3.97 11.38 -12.80
CA LYS A 148 3.65 12.22 -11.64
C LYS A 148 3.59 11.41 -10.34
N VAL A 149 3.05 10.20 -10.43
CA VAL A 149 2.91 9.33 -9.26
C VAL A 149 4.26 8.75 -8.84
N LEU A 150 5.03 8.30 -9.82
CA LEU A 150 6.39 7.82 -9.55
C LEU A 150 7.28 8.93 -8.99
N ASN A 151 7.15 10.13 -9.54
CA ASN A 151 7.99 11.25 -9.08
C ASN A 151 7.57 11.79 -7.72
N ALA A 152 6.36 11.44 -7.26
CA ALA A 152 5.94 11.70 -5.89
C ALA A 152 6.75 10.90 -4.85
N ASP A 153 7.21 9.71 -5.21
CA ASP A 153 7.98 8.84 -4.33
C ASP A 153 9.43 9.32 -4.17
N GLN A 154 9.65 10.16 -3.17
CA GLN A 154 10.98 10.75 -2.94
C GLN A 154 12.01 9.69 -2.53
N GLY A 155 11.58 8.71 -1.74
CA GLY A 155 12.47 7.62 -1.31
C GLY A 155 13.02 6.79 -2.45
N THR A 156 12.17 6.45 -3.40
CA THR A 156 12.56 5.70 -4.59
C THR A 156 13.51 6.53 -5.46
N SER A 157 13.22 7.82 -5.63
CA SER A 157 14.09 8.69 -6.40
C SER A 157 15.50 8.78 -5.80
N ALA A 158 15.60 8.91 -4.47
CA ALA A 158 16.93 9.01 -3.82
C ALA A 158 17.69 7.71 -4.00
N THR A 159 17.02 6.58 -3.82
CA THR A 159 17.64 5.29 -4.01
C THR A 159 18.11 5.06 -5.44
N VAL A 160 17.26 5.39 -6.42
CA VAL A 160 17.64 5.22 -7.82
C VAL A 160 18.84 6.11 -8.17
N GLN A 161 18.80 7.36 -7.72
CA GLN A 161 19.93 8.28 -7.94
C GLN A 161 21.23 7.72 -7.42
N MET A 162 21.20 7.12 -6.22
CA MET A 162 22.35 6.46 -5.64
C MET A 162 22.79 5.23 -6.46
N LEU A 163 21.86 4.36 -6.84
CA LEU A 163 22.21 3.18 -7.65
C LEU A 163 22.88 3.56 -8.97
N LEU A 164 22.30 4.54 -9.66
CA LEU A 164 22.80 4.99 -10.95
C LEU A 164 24.14 5.76 -10.86
N ASN A 165 24.24 6.70 -9.93
CA ASN A 165 25.42 7.58 -9.87
C ASN A 165 26.62 6.92 -9.25
N ASP A 166 26.39 6.14 -8.19
CA ASP A 166 27.46 5.67 -7.30
C ASP A 166 27.61 4.15 -7.31
N THR A 167 26.55 3.41 -7.01
CA THR A 167 26.64 1.95 -6.85
C THR A 167 27.09 1.28 -8.14
N CYS A 168 26.40 1.60 -9.24
CA CYS A 168 26.68 0.96 -10.53
C CYS A 168 28.15 1.10 -10.92
N PRO A 169 28.69 2.33 -11.00
CA PRO A 169 30.10 2.40 -11.42
C PRO A 169 31.07 1.75 -10.43
N LEU A 170 30.86 1.95 -9.14
CA LEU A 170 31.71 1.31 -8.13
C LEU A 170 31.69 -0.21 -8.27
N PHE A 171 30.48 -0.77 -8.34
CA PHE A 171 30.32 -2.22 -8.49
C PHE A 171 31.01 -2.76 -9.74
N VAL A 172 30.81 -2.08 -10.87
CA VAL A 172 31.35 -2.55 -12.15
C VAL A 172 32.88 -2.45 -12.21
N ARG A 173 33.48 -1.43 -11.58
CA ARG A 173 34.94 -1.37 -11.49
C ARG A 173 35.51 -2.59 -10.76
N GLY A 174 34.85 -2.99 -9.68
CA GLY A 174 35.19 -4.24 -9.00
C GLY A 174 34.96 -5.50 -9.82
N LEU A 175 33.87 -5.56 -10.60
CA LEU A 175 33.63 -6.69 -11.49
C LEU A 175 34.74 -6.85 -12.52
N LEU A 176 35.12 -5.76 -13.18
CA LEU A 176 36.18 -5.79 -14.21
C LEU A 176 37.51 -6.29 -13.64
N GLU A 177 37.82 -5.90 -12.41
CA GLU A 177 39.00 -6.39 -11.70
C GLU A 177 38.83 -7.88 -11.38
N ALA A 178 37.70 -8.26 -10.78
CA ALA A 178 37.51 -9.66 -10.36
C ALA A 178 37.37 -10.62 -11.54
N GLY A 179 36.79 -10.16 -12.65
CA GLY A 179 36.52 -11.01 -13.80
C GLY A 179 37.51 -10.94 -14.93
N LYS A 180 38.66 -10.33 -14.68
CA LYS A 180 39.65 -10.00 -15.70
C LYS A 180 40.04 -11.18 -16.59
N SER A 181 40.29 -12.34 -15.98
CA SER A 181 40.77 -13.49 -16.74
C SER A 181 39.69 -14.14 -17.63
N ASP A 182 38.42 -14.04 -17.26
CA ASP A 182 37.32 -14.43 -18.17
C ASP A 182 37.07 -13.35 -19.22
N LEU A 183 37.13 -12.09 -18.84
CA LEU A 183 36.89 -10.99 -19.78
C LEU A 183 37.95 -10.93 -20.87
N GLU A 184 39.20 -11.26 -20.51
CA GLU A 184 40.34 -11.22 -21.44
C GLU A 184 40.66 -12.59 -22.06
N LYS A 185 39.75 -13.57 -21.92
CA LYS A 185 39.97 -14.91 -22.48
C LYS A 185 40.10 -14.88 -24.01
N GLN A 186 40.95 -15.74 -24.54
CA GLN A 186 41.08 -15.94 -25.98
C GLN A 186 40.75 -17.39 -26.27
N GLU A 187 39.77 -17.60 -27.17
CA GLU A 187 39.34 -18.93 -27.59
C GLU A 187 39.39 -18.99 -29.10
N LYS A 188 39.96 -20.08 -29.63
CA LYS A 188 40.31 -20.15 -31.05
C LYS A 188 39.14 -20.58 -31.91
N PRO A 189 38.96 -19.94 -33.08
CA PRO A 189 37.96 -20.42 -34.02
C PRO A 189 38.38 -21.76 -34.63
N VAL A 190 37.38 -22.56 -35.00
CA VAL A 190 37.58 -23.72 -35.86
C VAL A 190 36.67 -23.49 -37.05
N ALA A 191 37.18 -23.75 -38.25
CA ALA A 191 36.39 -23.56 -39.47
C ALA A 191 36.13 -24.88 -40.19
N TRP A 192 35.09 -24.89 -41.01
CA TRP A 192 34.78 -26.02 -41.89
C TRP A 192 33.93 -25.55 -43.07
N LEU A 193 33.96 -26.30 -44.17
CA LEU A 193 33.34 -25.87 -45.44
C LEU A 193 32.22 -26.77 -45.92
N SER A 194 31.33 -26.22 -46.74
CA SER A 194 30.23 -26.98 -47.35
C SER A 194 29.58 -26.16 -48.46
N SER A 195 28.60 -26.74 -49.18
CA SER A 195 27.92 -26.05 -50.28
C SER A 195 26.45 -26.46 -50.44
N VAL A 196 25.67 -25.57 -51.06
CA VAL A 196 24.26 -25.82 -51.43
C VAL A 196 23.93 -25.12 -52.76
N PRO A 197 22.73 -25.38 -53.34
CA PRO A 197 22.25 -24.58 -54.49
C PRO A 197 21.96 -23.10 -54.15
N ARG A 204 25.63 -22.17 -57.12
CA ARG A 204 26.13 -22.78 -55.90
C ARG A 204 26.51 -21.75 -54.81
N GLN A 205 25.97 -21.93 -53.60
CA GLN A 205 26.32 -21.11 -52.43
C GLN A 205 27.31 -21.86 -51.54
N LEU A 206 28.57 -21.41 -51.53
CA LEU A 206 29.62 -21.98 -50.65
C LEU A 206 29.54 -21.33 -49.27
N VAL A 207 29.62 -22.14 -48.21
CA VAL A 207 29.51 -21.65 -46.82
C VAL A 207 30.79 -21.95 -46.05
N CYS A 208 31.43 -20.89 -45.54
CA CYS A 208 32.53 -21.04 -44.58
C CYS A 208 32.00 -20.88 -43.15
N HIS A 209 32.05 -21.94 -42.37
CA HIS A 209 31.53 -21.95 -41.00
C HIS A 209 32.68 -21.62 -40.05
N VAL A 210 32.45 -20.74 -39.06
CA VAL A 210 33.49 -20.40 -38.09
C VAL A 210 32.91 -20.40 -36.65
N SER A 211 33.49 -21.23 -35.77
CA SER A 211 32.87 -21.49 -34.46
C SER A 211 33.85 -21.69 -33.31
N GLY A 212 33.48 -21.19 -32.13
CA GLY A 212 34.28 -21.35 -30.92
C GLY A 212 35.17 -20.18 -30.57
N PHE A 213 35.08 -19.09 -31.34
CA PHE A 213 35.95 -17.92 -31.11
C PHE A 213 35.40 -16.99 -30.02
N TYR A 214 36.34 -16.49 -29.20
CA TYR A 214 36.11 -15.39 -28.27
C TYR A 214 37.43 -14.56 -28.18
N PRO A 215 37.39 -13.22 -28.28
CA PRO A 215 36.19 -12.39 -28.29
C PRO A 215 35.56 -12.23 -29.67
N LYS A 216 34.50 -11.44 -29.74
CA LYS A 216 33.67 -11.31 -30.94
C LYS A 216 34.38 -10.84 -32.22
N PRO A 217 35.26 -9.83 -32.13
CA PRO A 217 35.89 -9.34 -33.39
C PRO A 217 36.60 -10.44 -34.20
N VAL A 218 36.20 -10.60 -35.45
CA VAL A 218 36.70 -11.67 -36.33
C VAL A 218 36.60 -11.25 -37.79
N TRP A 219 37.52 -11.76 -38.60
CA TRP A 219 37.57 -11.45 -40.02
C TRP A 219 37.54 -12.74 -40.84
N VAL A 220 36.60 -12.81 -41.79
CA VAL A 220 36.38 -14.00 -42.61
C VAL A 220 36.16 -13.57 -44.07
N MET A 221 37.00 -14.11 -44.98
CA MET A 221 36.91 -13.84 -46.42
C MET A 221 37.15 -15.10 -47.26
N TRP A 222 36.32 -15.25 -48.31
CA TRP A 222 36.61 -16.19 -49.40
C TRP A 222 37.70 -15.59 -50.29
N MET A 223 38.64 -16.44 -50.71
CA MET A 223 39.87 -16.00 -51.39
C MET A 223 40.16 -16.83 -52.64
N ARG A 224 40.96 -16.25 -53.54
CA ARG A 224 41.70 -17.03 -54.56
C ARG A 224 43.15 -16.55 -54.52
N GLY A 225 43.97 -17.24 -53.71
CA GLY A 225 45.37 -16.87 -53.50
C GLY A 225 45.53 -15.65 -52.62
N ASP A 226 45.62 -14.47 -53.27
CA ASP A 226 45.64 -13.17 -52.60
C ASP A 226 44.37 -12.33 -52.85
N GLN A 227 43.53 -12.77 -53.79
CA GLN A 227 42.38 -11.98 -54.23
C GLN A 227 41.16 -12.18 -53.31
N GLU A 228 40.86 -11.16 -52.50
CA GLU A 228 39.65 -11.15 -51.67
C GLU A 228 38.43 -11.16 -52.57
N GLN A 229 37.57 -12.16 -52.41
CA GLN A 229 36.34 -12.26 -53.20
C GLN A 229 35.31 -11.33 -52.56
N GLN A 230 35.00 -10.23 -53.25
CA GLN A 230 34.06 -9.22 -52.73
C GLN A 230 32.59 -9.65 -52.81
N GLY A 231 32.31 -10.84 -53.35
CA GLY A 231 31.01 -11.48 -53.20
C GLY A 231 30.66 -11.95 -51.78
N THR A 232 31.70 -12.18 -50.94
CA THR A 232 31.52 -12.65 -49.55
C THR A 232 30.42 -11.90 -48.78
N HIS A 233 29.38 -12.63 -48.38
CA HIS A 233 28.31 -12.08 -47.52
C HIS A 233 28.43 -12.70 -46.12
N ARG A 234 28.86 -11.89 -45.15
CA ARG A 234 28.92 -12.32 -43.75
C ARG A 234 27.51 -12.41 -43.16
N GLY A 235 27.24 -13.48 -42.42
CA GLY A 235 26.03 -13.57 -41.61
C GLY A 235 26.15 -12.82 -40.28
N ASP A 236 25.16 -13.02 -39.42
CA ASP A 236 25.16 -12.44 -38.09
C ASP A 236 26.03 -13.25 -37.14
N PHE A 237 26.50 -12.60 -36.09
CA PHE A 237 27.13 -13.31 -34.96
C PHE A 237 26.05 -14.09 -34.20
N LEU A 238 26.28 -15.38 -33.99
CA LEU A 238 25.35 -16.25 -33.26
C LEU A 238 26.08 -16.84 -32.05
N PRO A 239 25.38 -16.97 -30.91
CA PRO A 239 26.04 -17.52 -29.73
C PRO A 239 26.07 -19.02 -29.73
N ASN A 240 27.14 -19.58 -29.16
CA ASN A 240 27.18 -20.96 -28.73
C ASN A 240 26.84 -20.99 -27.24
N ALA A 241 26.54 -22.17 -26.71
CA ALA A 241 26.15 -22.32 -25.29
C ALA A 241 27.31 -22.14 -24.30
N ASP A 242 28.54 -22.33 -24.77
CA ASP A 242 29.74 -22.21 -23.93
C ASP A 242 30.40 -20.82 -23.96
N GLU A 243 29.63 -19.77 -24.26
CA GLU A 243 30.11 -18.38 -24.28
C GLU A 243 31.25 -18.14 -25.30
N THR A 244 31.03 -18.67 -26.50
CA THR A 244 31.88 -18.44 -27.65
C THR A 244 30.91 -18.05 -28.74
N TRP A 245 31.46 -17.64 -29.88
CA TRP A 245 30.66 -17.14 -30.99
C TRP A 245 30.72 -18.03 -32.23
N TYR A 246 29.71 -17.85 -33.07
CA TYR A 246 29.58 -18.52 -34.34
C TYR A 246 29.29 -17.49 -35.41
N LEU A 247 29.94 -17.65 -36.56
CA LEU A 247 29.71 -16.83 -37.74
C LEU A 247 29.94 -17.67 -39.00
N GLN A 248 29.18 -17.38 -40.05
CA GLN A 248 29.41 -17.98 -41.36
C GLN A 248 29.39 -16.93 -42.47
N ALA A 249 30.23 -17.16 -43.48
CA ALA A 249 30.37 -16.29 -44.63
C ALA A 249 30.06 -17.07 -45.90
N THR A 250 29.02 -16.65 -46.64
CA THR A 250 28.58 -17.33 -47.86
C THR A 250 29.11 -16.64 -49.13
N LEU A 251 29.25 -17.40 -50.21
CA LEU A 251 29.68 -16.88 -51.52
C LEU A 251 28.86 -17.46 -52.66
N ASP A 252 28.65 -16.68 -53.72
CA ASP A 252 28.03 -17.18 -54.95
C ASP A 252 29.09 -17.54 -56.00
N VAL A 253 29.02 -18.77 -56.51
CA VAL A 253 29.92 -19.26 -57.56
C VAL A 253 29.21 -20.18 -58.56
N GLU A 254 29.83 -20.31 -59.73
CA GLU A 254 29.34 -21.20 -60.79
C GLU A 254 30.03 -22.55 -60.67
N ALA A 255 29.27 -23.62 -60.90
CA ALA A 255 29.75 -24.99 -60.66
C ALA A 255 30.92 -25.34 -61.60
N GLY A 256 32.13 -25.31 -61.05
CA GLY A 256 33.36 -25.39 -61.83
C GLY A 256 34.49 -24.53 -61.26
N GLU A 257 34.15 -23.44 -60.57
CA GLU A 257 35.12 -22.51 -59.98
C GLU A 257 35.55 -22.84 -58.54
N GLU A 258 35.08 -23.97 -58.01
CA GLU A 258 35.31 -24.33 -56.60
C GLU A 258 36.79 -24.58 -56.26
N ALA A 259 37.55 -25.12 -57.20
CA ALA A 259 38.99 -25.34 -57.00
C ALA A 259 39.73 -24.00 -56.99
N GLY A 260 40.74 -23.89 -56.14
CA GLY A 260 41.47 -22.64 -55.94
C GLY A 260 40.92 -21.78 -54.81
N LEU A 261 39.59 -21.75 -54.64
CA LEU A 261 38.94 -21.01 -53.56
C LEU A 261 39.32 -21.54 -52.17
N ALA A 262 39.57 -20.60 -51.26
CA ALA A 262 39.83 -20.89 -49.86
C ALA A 262 38.99 -19.96 -48.98
N CYS A 263 38.85 -20.33 -47.71
CA CYS A 263 38.30 -19.43 -46.70
C CYS A 263 39.43 -19.05 -45.76
N ARG A 264 39.69 -17.75 -45.65
CA ARG A 264 40.70 -17.23 -44.74
C ARG A 264 40.00 -16.64 -43.53
N VAL A 265 40.45 -17.05 -42.34
CA VAL A 265 39.91 -16.52 -41.08
C VAL A 265 41.05 -15.90 -40.28
N LYS A 266 40.85 -14.63 -39.88
CA LYS A 266 41.75 -13.92 -38.97
C LYS A 266 41.07 -13.69 -37.62
N HIS A 267 41.79 -13.97 -36.54
CA HIS A 267 41.25 -13.74 -35.21
C HIS A 267 42.37 -13.62 -34.18
N SER A 268 42.14 -12.80 -33.16
CA SER A 268 43.14 -12.45 -32.15
C SER A 268 43.75 -13.63 -31.41
N SER A 269 42.96 -14.67 -31.17
CA SER A 269 43.45 -15.91 -30.53
C SER A 269 44.52 -16.69 -31.28
N LEU A 270 44.63 -16.48 -32.59
CA LEU A 270 45.53 -17.28 -33.45
C LEU A 270 46.99 -16.80 -33.55
N GLY A 271 47.31 -15.64 -32.97
CA GLY A 271 48.68 -15.13 -32.98
C GLY A 271 49.24 -14.94 -34.38
N GLY A 272 48.43 -14.36 -35.26
CA GLY A 272 48.81 -14.11 -36.65
C GLY A 272 48.90 -15.32 -37.57
N GLN A 273 48.52 -16.48 -37.07
CA GLN A 273 48.63 -17.75 -37.79
C GLN A 273 47.22 -18.08 -38.29
N ASP A 274 46.84 -17.45 -39.40
CA ASP A 274 45.48 -17.52 -39.91
C ASP A 274 45.07 -18.94 -40.29
N ILE A 275 43.76 -19.20 -40.28
CA ILE A 275 43.22 -20.47 -40.75
C ILE A 275 42.91 -20.30 -42.23
N ILE A 276 43.53 -21.16 -43.04
CA ILE A 276 43.28 -21.21 -44.48
C ILE A 276 42.77 -22.63 -44.78
N LEU A 277 41.52 -22.71 -45.26
CA LEU A 277 40.92 -23.98 -45.66
C LEU A 277 40.58 -23.92 -47.13
N TYR A 278 41.21 -24.80 -47.91
CA TYR A 278 40.96 -24.88 -49.35
C TYR A 278 39.84 -25.84 -49.61
N TRP A 279 38.99 -25.50 -50.58
CA TRP A 279 37.93 -26.39 -51.05
C TRP A 279 38.57 -27.53 -51.83
N GLN B 2 3.78 -6.64 -32.02
CA GLN B 2 3.97 -8.11 -32.25
C GLN B 2 4.98 -8.40 -33.37
N LYS B 3 5.93 -9.30 -33.10
CA LYS B 3 7.03 -9.60 -34.03
C LYS B 3 7.28 -11.10 -34.15
N THR B 4 7.58 -11.54 -35.36
CA THR B 4 7.76 -12.96 -35.69
C THR B 4 9.17 -13.45 -35.34
N PRO B 5 9.29 -14.64 -34.70
CA PRO B 5 10.63 -15.17 -34.41
C PRO B 5 11.40 -15.63 -35.65
N GLN B 6 12.66 -15.21 -35.79
CA GLN B 6 13.62 -15.83 -36.73
C GLN B 6 14.32 -16.97 -36.01
N ILE B 7 14.57 -18.07 -36.72
CA ILE B 7 15.09 -19.31 -36.13
C ILE B 7 16.31 -19.76 -36.95
N GLN B 8 17.46 -19.92 -36.28
CA GLN B 8 18.68 -20.40 -36.93
C GLN B 8 19.21 -21.63 -36.20
N VAL B 9 19.52 -22.67 -36.96
CA VAL B 9 20.00 -23.95 -36.43
C VAL B 9 21.39 -24.24 -37.01
N TYR B 10 22.31 -24.59 -36.13
CA TYR B 10 23.73 -24.68 -36.45
C TYR B 10 24.40 -25.50 -35.36
N SER B 11 25.42 -26.26 -35.75
CA SER B 11 26.14 -27.14 -34.83
C SER B 11 27.31 -26.37 -34.21
N ARG B 12 27.76 -26.83 -33.05
CA ARG B 12 28.85 -26.20 -32.29
C ARG B 12 30.22 -26.49 -32.90
N HIS B 13 30.41 -27.76 -33.26
CA HIS B 13 31.64 -28.30 -33.81
C HIS B 13 31.39 -28.72 -35.27
N PRO B 14 32.46 -28.96 -36.05
CA PRO B 14 32.21 -29.44 -37.43
C PRO B 14 31.52 -30.82 -37.40
N PRO B 15 30.45 -31.01 -38.18
CA PRO B 15 29.67 -32.25 -38.08
C PRO B 15 30.32 -33.43 -38.81
N GLU B 16 30.66 -34.47 -38.05
CA GLU B 16 31.09 -35.78 -38.57
C GLU B 16 30.07 -36.85 -38.17
N ASN B 17 29.54 -37.58 -39.14
CA ASN B 17 28.58 -38.65 -38.84
C ASN B 17 29.17 -39.63 -37.83
N GLY B 18 28.39 -39.97 -36.81
CA GLY B 18 28.85 -40.83 -35.73
C GLY B 18 29.62 -40.19 -34.59
N LYS B 19 29.88 -38.86 -34.65
CA LYS B 19 30.62 -38.15 -33.57
C LYS B 19 29.70 -37.26 -32.71
N PRO B 20 29.77 -37.39 -31.36
CA PRO B 20 29.04 -36.46 -30.50
C PRO B 20 29.39 -34.96 -30.70
N ASN B 21 28.35 -34.13 -30.73
CA ASN B 21 28.43 -32.71 -31.08
C ASN B 21 27.31 -32.00 -30.27
N ILE B 22 27.14 -30.70 -30.47
CA ILE B 22 26.04 -29.96 -29.85
C ILE B 22 25.30 -29.22 -30.95
N LEU B 23 23.98 -29.35 -30.96
CA LEU B 23 23.14 -28.64 -31.90
C LEU B 23 22.46 -27.48 -31.19
N ASN B 24 22.51 -26.29 -31.82
CA ASN B 24 21.96 -25.07 -31.27
C ASN B 24 20.77 -24.62 -32.08
N CYS B 25 19.74 -24.14 -31.39
CA CYS B 25 18.66 -23.43 -32.04
C CYS B 25 18.56 -22.05 -31.43
N TYR B 26 18.84 -21.02 -32.24
CA TYR B 26 18.88 -19.65 -31.80
C TYR B 26 17.66 -18.92 -32.34
N VAL B 27 16.77 -18.50 -31.43
CA VAL B 27 15.49 -17.87 -31.75
C VAL B 27 15.55 -16.40 -31.35
N THR B 28 15.27 -15.50 -32.30
CA THR B 28 15.51 -14.07 -32.15
C THR B 28 14.36 -13.24 -32.68
N GLN B 29 14.40 -11.94 -32.38
CA GLN B 29 13.53 -10.92 -32.96
C GLN B 29 12.02 -11.08 -32.70
N PHE B 30 11.65 -11.72 -31.58
CA PHE B 30 10.23 -11.98 -31.30
C PHE B 30 9.66 -11.09 -30.21
N HIS B 31 8.34 -10.94 -30.23
CA HIS B 31 7.59 -10.16 -29.24
C HIS B 31 6.10 -10.51 -29.36
N PRO B 32 5.38 -10.87 -28.28
CA PRO B 32 5.83 -10.87 -26.88
C PRO B 32 6.85 -11.97 -26.52
N PRO B 33 7.34 -12.00 -25.26
CA PRO B 33 8.36 -12.99 -24.90
C PRO B 33 7.87 -14.43 -24.72
N HIS B 34 6.58 -14.65 -24.54
CA HIS B 34 6.04 -15.99 -24.36
C HIS B 34 6.26 -16.80 -25.63
N ILE B 35 6.92 -17.94 -25.49
CA ILE B 35 7.31 -18.74 -26.65
C ILE B 35 7.47 -20.19 -26.22
N GLU B 36 7.27 -21.11 -27.16
CA GLU B 36 7.48 -22.54 -26.92
C GLU B 36 8.44 -23.05 -27.99
N ILE B 37 9.57 -23.58 -27.55
CA ILE B 37 10.64 -24.03 -28.42
C ILE B 37 10.88 -25.51 -28.15
N GLN B 38 10.87 -26.31 -29.21
CA GLN B 38 11.16 -27.74 -29.14
C GLN B 38 12.31 -28.00 -30.08
N MET B 39 13.21 -28.88 -29.68
CA MET B 39 14.19 -29.43 -30.60
C MET B 39 13.77 -30.86 -30.89
N LEU B 40 13.81 -31.24 -32.16
CA LEU B 40 13.25 -32.50 -32.65
C LEU B 40 14.33 -33.37 -33.31
N LYS B 41 14.31 -34.66 -32.98
CA LYS B 41 15.03 -35.69 -33.72
C LYS B 41 13.98 -36.51 -34.47
N ASN B 42 14.00 -36.46 -35.80
CA ASN B 42 13.05 -37.22 -36.65
C ASN B 42 11.58 -36.90 -36.34
N GLY B 43 11.32 -35.61 -36.07
CA GLY B 43 9.99 -35.13 -35.73
C GLY B 43 9.48 -35.50 -34.34
N LYS B 44 10.34 -36.02 -33.46
CA LYS B 44 9.96 -36.30 -32.08
C LYS B 44 10.77 -35.44 -31.13
N LYS B 45 10.10 -34.97 -30.07
CA LYS B 45 10.69 -34.04 -29.12
C LYS B 45 11.88 -34.66 -28.38
N ILE B 46 13.04 -34.03 -28.52
CA ILE B 46 14.25 -34.47 -27.81
C ILE B 46 14.04 -34.10 -26.34
N PRO B 47 14.29 -35.04 -25.40
CA PRO B 47 13.97 -34.80 -23.98
C PRO B 47 14.92 -33.85 -23.22
N LYS B 48 16.24 -33.97 -23.41
CA LYS B 48 17.20 -33.26 -22.52
C LYS B 48 17.66 -31.89 -23.06
N VAL B 49 16.70 -31.03 -23.44
CA VAL B 49 17.02 -29.78 -24.15
C VAL B 49 17.27 -28.63 -23.17
N GLU B 50 18.47 -28.05 -23.23
CA GLU B 50 18.84 -26.93 -22.36
C GLU B 50 18.45 -25.59 -22.99
N MET B 51 18.01 -24.66 -22.15
CA MET B 51 17.69 -23.29 -22.57
C MET B 51 18.55 -22.33 -21.79
N SER B 52 19.09 -21.33 -22.50
CA SER B 52 19.66 -20.16 -21.86
C SER B 52 18.52 -19.33 -21.26
N ASP B 53 18.87 -18.34 -20.44
CA ASP B 53 17.88 -17.43 -19.90
C ASP B 53 17.45 -16.51 -21.04
N MET B 54 16.19 -16.12 -21.06
CA MET B 54 15.75 -15.19 -22.07
C MET B 54 16.35 -13.82 -21.82
N SER B 55 16.69 -13.16 -22.90
CA SER B 55 17.27 -11.85 -22.84
C SER B 55 16.65 -11.04 -23.99
N PHE B 56 17.09 -9.79 -24.15
CA PHE B 56 16.67 -8.96 -25.27
C PHE B 56 17.72 -7.99 -25.76
N SER B 57 17.53 -7.56 -27.02
CA SER B 57 18.50 -6.73 -27.75
C SER B 57 18.28 -5.23 -27.50
N LYS B 58 19.12 -4.43 -28.12
CA LYS B 58 19.00 -2.96 -28.13
C LYS B 58 17.62 -2.49 -28.63
N ASP B 59 17.07 -3.16 -29.65
CA ASP B 59 15.72 -2.85 -30.18
C ASP B 59 14.54 -3.43 -29.37
N TRP B 60 14.81 -3.95 -28.17
CA TRP B 60 13.80 -4.52 -27.26
C TRP B 60 13.21 -5.88 -27.66
N SER B 61 13.64 -6.46 -28.79
CA SER B 61 13.13 -7.78 -29.19
C SER B 61 13.89 -8.86 -28.43
N PHE B 62 13.20 -9.95 -28.17
CA PHE B 62 13.71 -11.01 -27.34
C PHE B 62 14.56 -11.99 -28.13
N TYR B 63 15.41 -12.71 -27.43
CA TYR B 63 16.14 -13.82 -28.01
C TYR B 63 16.45 -14.85 -26.95
N ILE B 64 16.60 -16.10 -27.37
CA ILE B 64 16.92 -17.21 -26.47
C ILE B 64 17.66 -18.31 -27.24
N LEU B 65 18.50 -19.07 -26.55
CA LEU B 65 19.29 -20.15 -27.17
C LEU B 65 18.96 -21.51 -26.58
N ALA B 66 18.41 -22.39 -27.42
CA ALA B 66 18.20 -23.78 -27.06
C ALA B 66 19.36 -24.58 -27.61
N HIS B 67 19.78 -25.61 -26.87
CA HIS B 67 20.80 -26.52 -27.35
C HIS B 67 20.68 -27.89 -26.68
N THR B 68 21.21 -28.88 -27.37
CA THR B 68 21.13 -30.26 -26.93
C THR B 68 22.32 -31.02 -27.47
N GLU B 69 22.75 -32.05 -26.75
CA GLU B 69 23.70 -33.02 -27.28
C GLU B 69 23.03 -33.79 -28.42
N PHE B 70 23.80 -34.09 -29.45
CA PHE B 70 23.32 -34.93 -30.54
C PHE B 70 24.52 -35.57 -31.21
N THR B 71 24.27 -36.65 -31.95
CA THR B 71 25.28 -37.23 -32.82
C THR B 71 24.63 -37.36 -34.20
N PRO B 72 25.17 -36.64 -35.21
CA PRO B 72 24.57 -36.72 -36.53
C PRO B 72 24.92 -38.03 -37.26
N THR B 73 24.00 -38.47 -38.11
CA THR B 73 24.15 -39.68 -38.92
C THR B 73 23.65 -39.37 -40.33
N GLU B 74 23.84 -40.32 -41.24
CA GLU B 74 23.36 -40.19 -42.61
C GLU B 74 21.83 -40.12 -42.69
N THR B 75 21.16 -40.89 -41.82
CA THR B 75 19.70 -41.06 -41.87
C THR B 75 18.90 -40.00 -41.08
N ASP B 76 19.29 -39.75 -39.81
CA ASP B 76 18.51 -38.93 -38.84
C ASP B 76 18.36 -37.43 -39.21
N THR B 77 17.14 -36.90 -39.11
CA THR B 77 16.92 -35.45 -39.24
C THR B 77 16.84 -34.79 -37.87
N TYR B 78 17.03 -33.48 -37.85
CA TYR B 78 17.04 -32.68 -36.63
C TYR B 78 16.41 -31.34 -36.94
N ALA B 79 15.55 -30.87 -36.05
CA ALA B 79 14.76 -29.68 -36.31
C ALA B 79 14.50 -28.87 -35.04
N CYS B 80 14.14 -27.59 -35.26
CA CYS B 80 13.71 -26.71 -34.19
C CYS B 80 12.32 -26.18 -34.52
N ARG B 81 11.37 -26.48 -33.63
CA ARG B 81 9.96 -26.14 -33.79
C ARG B 81 9.58 -25.08 -32.78
N VAL B 82 8.96 -24.00 -33.25
CA VAL B 82 8.63 -22.82 -32.44
C VAL B 82 7.16 -22.45 -32.55
N LYS B 83 6.47 -22.37 -31.42
CA LYS B 83 5.10 -21.82 -31.37
C LYS B 83 5.16 -20.41 -30.79
N HIS B 84 4.46 -19.49 -31.43
CA HIS B 84 4.43 -18.08 -31.01
C HIS B 84 3.17 -17.41 -31.51
N ALA B 85 2.62 -16.51 -30.68
CA ALA B 85 1.33 -15.87 -30.99
C ALA B 85 1.28 -15.14 -32.34
N SER B 86 2.44 -14.67 -32.80
CA SER B 86 2.60 -14.03 -34.13
C SER B 86 2.37 -14.95 -35.35
N MET B 87 2.39 -16.26 -35.14
CA MET B 87 2.20 -17.24 -36.22
C MET B 87 0.98 -18.13 -35.98
N ALA B 88 0.22 -18.39 -37.04
CA ALA B 88 -0.97 -19.24 -36.96
C ALA B 88 -0.58 -20.67 -36.66
N GLU B 89 0.43 -21.17 -37.37
CA GLU B 89 0.95 -22.53 -37.18
C GLU B 89 2.36 -22.48 -36.60
N PRO B 90 2.81 -23.58 -35.96
CA PRO B 90 4.22 -23.70 -35.59
C PRO B 90 5.14 -23.60 -36.80
N LYS B 91 6.29 -22.96 -36.62
CA LYS B 91 7.31 -22.83 -37.66
C LYS B 91 8.43 -23.80 -37.34
N THR B 92 8.80 -24.62 -38.33
CA THR B 92 9.85 -25.61 -38.18
C THR B 92 10.99 -25.29 -39.15
N VAL B 93 12.22 -25.20 -38.63
CA VAL B 93 13.39 -25.15 -39.51
C VAL B 93 14.24 -26.39 -39.22
N TYR B 94 14.67 -27.04 -40.30
CA TYR B 94 15.44 -28.28 -40.20
C TYR B 94 16.91 -27.95 -40.22
N TRP B 95 17.68 -28.70 -39.46
CA TRP B 95 19.12 -28.62 -39.54
C TRP B 95 19.60 -29.20 -40.86
N ASP B 96 20.53 -28.49 -41.49
CA ASP B 96 21.15 -28.91 -42.74
C ASP B 96 22.67 -28.83 -42.52
N ARG B 97 23.33 -29.98 -42.48
CA ARG B 97 24.80 -30.08 -42.38
C ARG B 97 25.52 -29.05 -43.25
N ASP B 98 25.09 -28.99 -44.52
CA ASP B 98 25.79 -28.22 -45.55
C ASP B 98 25.49 -26.71 -45.55
N MET B 99 24.48 -26.28 -44.80
CA MET B 99 24.00 -24.90 -44.83
C MET B 99 24.51 -24.13 -43.62
N THR C 3 -2.50 -9.33 10.71
CA THR C 3 -2.09 -8.07 11.41
C THR C 3 -0.56 -7.81 11.33
N GLN C 4 -0.20 -6.83 10.53
CA GLN C 4 1.21 -6.45 10.35
C GLN C 4 1.65 -5.27 11.26
N VAL C 5 0.75 -4.74 12.07
CA VAL C 5 1.05 -3.62 12.94
C VAL C 5 0.48 -3.89 14.35
N GLU C 6 1.36 -3.85 15.35
CA GLU C 6 1.01 -4.18 16.75
C GLU C 6 1.40 -3.07 17.71
N GLN C 7 0.46 -2.69 18.55
CA GLN C 7 0.67 -1.63 19.51
C GLN C 7 0.66 -2.19 20.91
N SER C 8 1.45 -1.54 21.76
CA SER C 8 1.59 -1.91 23.16
C SER C 8 1.82 -0.62 23.97
N PRO C 9 1.23 -0.47 25.16
CA PRO C 9 0.25 -1.39 25.71
C PRO C 9 -1.10 -1.31 25.00
N GLN C 10 -1.98 -2.24 25.29
CA GLN C 10 -3.37 -2.21 24.80
C GLN C 10 -4.13 -1.02 25.39
N SER C 11 -3.97 -0.83 26.70
CA SER C 11 -4.55 0.31 27.39
C SER C 11 -3.73 0.60 28.63
N LEU C 12 -3.78 1.83 29.08
CA LEU C 12 -3.05 2.27 30.26
C LEU C 12 -3.77 3.44 30.90
N VAL C 13 -3.60 3.55 32.22
CA VAL C 13 -4.17 4.60 33.03
C VAL C 13 -3.02 5.33 33.70
N VAL C 14 -2.99 6.65 33.56
CA VAL C 14 -1.98 7.49 34.16
C VAL C 14 -2.67 8.64 34.84
N ARG C 15 -1.91 9.33 35.68
CA ARG C 15 -2.38 10.52 36.37
C ARG C 15 -1.82 11.73 35.65
N GLN C 16 -2.62 12.79 35.63
CA GLN C 16 -2.23 14.08 35.08
C GLN C 16 -0.82 14.49 35.47
N GLY C 17 -0.03 14.92 34.49
CA GLY C 17 1.34 15.38 34.72
C GLY C 17 2.38 14.30 34.48
N GLU C 18 1.99 13.03 34.47
CA GLU C 18 2.93 11.93 34.25
C GLU C 18 3.21 11.81 32.76
N ASN C 19 4.39 11.33 32.44
CA ASN C 19 4.78 11.01 31.06
C ASN C 19 4.42 9.58 30.77
N CYS C 20 4.14 9.28 29.51
CA CYS C 20 3.92 7.90 29.10
C CYS C 20 4.53 7.60 27.74
N VAL C 21 4.78 6.32 27.54
CA VAL C 21 5.48 5.80 26.37
C VAL C 21 4.55 4.81 25.67
N LEU C 22 4.30 5.02 24.38
CA LEU C 22 3.47 4.10 23.58
C LEU C 22 4.36 3.48 22.52
N GLN C 23 4.13 2.21 22.21
CA GLN C 23 4.99 1.48 21.27
C GLN C 23 4.22 1.01 20.05
N CYS C 24 4.91 0.97 18.91
CA CYS C 24 4.38 0.40 17.69
C CYS C 24 5.43 -0.53 17.09
N ASN C 25 5.05 -1.77 16.85
CA ASN C 25 5.90 -2.76 16.20
C ASN C 25 5.19 -3.24 14.95
N TYR C 26 5.91 -3.35 13.86
CA TYR C 26 5.31 -3.76 12.60
C TYR C 26 6.21 -4.70 11.79
N SER C 27 5.58 -5.46 10.91
CA SER C 27 6.30 -6.29 9.92
C SER C 27 6.04 -5.84 8.47
N VAL C 28 5.34 -4.72 8.28
CA VAL C 28 5.03 -4.18 6.96
C VAL C 28 6.31 -4.01 6.15
N THR C 29 6.28 -4.45 4.88
CA THR C 29 7.40 -4.32 3.93
C THR C 29 6.90 -3.88 2.54
N PRO C 30 7.48 -2.84 1.93
CA PRO C 30 8.42 -1.89 2.58
C PRO C 30 7.69 -0.93 3.51
N ASP C 31 8.49 -0.18 4.26
CA ASP C 31 7.99 0.73 5.27
C ASP C 31 8.49 2.14 4.95
N ASN C 32 7.64 2.90 4.24
CA ASN C 32 8.00 4.25 3.77
C ASN C 32 7.95 5.25 4.90
N HIS C 33 6.87 5.21 5.66
CA HIS C 33 6.67 6.18 6.72
C HIS C 33 5.71 5.62 7.74
N LEU C 34 5.74 6.22 8.92
CA LEU C 34 4.86 5.82 10.03
C LEU C 34 4.22 7.06 10.63
N ARG C 35 2.90 7.01 10.79
CA ARG C 35 2.14 8.14 11.29
C ARG C 35 1.46 7.75 12.58
N TRP C 36 1.41 8.69 13.53
CA TRP C 36 0.63 8.53 14.76
C TRP C 36 -0.60 9.43 14.71
N PHE C 37 -1.76 8.84 14.95
CA PHE C 37 -3.02 9.53 15.02
C PHE C 37 -3.49 9.57 16.48
N LYS C 38 -4.18 10.63 16.84
CA LYS C 38 -4.99 10.68 18.07
C LYS C 38 -6.46 10.65 17.70
N GLN C 39 -7.22 9.76 18.33
CA GLN C 39 -8.66 9.66 18.15
C GLN C 39 -9.38 9.74 19.51
N ASP C 40 -10.05 10.86 19.76
CA ASP C 40 -10.98 11.01 20.89
C ASP C 40 -12.20 10.13 20.66
N THR C 41 -12.93 9.88 21.73
CA THR C 41 -14.09 8.99 21.71
C THR C 41 -15.17 9.57 20.79
N GLY C 42 -15.70 8.72 19.92
CA GLY C 42 -16.69 9.13 18.94
C GLY C 42 -16.26 10.10 17.86
N LYS C 43 -14.97 10.47 17.80
CA LYS C 43 -14.48 11.48 16.88
C LYS C 43 -13.62 10.82 15.80
N GLY C 44 -12.83 11.63 15.10
CA GLY C 44 -12.01 11.17 14.01
C GLY C 44 -10.53 11.27 14.29
N LEU C 45 -9.77 11.21 13.21
CA LEU C 45 -8.35 10.93 13.26
C LEU C 45 -7.58 12.22 13.08
N VAL C 46 -6.89 12.63 14.14
CA VAL C 46 -6.02 13.80 14.14
C VAL C 46 -4.58 13.33 14.07
N SER C 47 -3.89 13.69 12.99
CA SER C 47 -2.47 13.35 12.81
C SER C 47 -1.62 14.12 13.80
N LEU C 48 -0.77 13.40 14.53
CA LEU C 48 0.15 14.00 15.49
C LEU C 48 1.52 14.20 14.89
N THR C 49 2.02 13.21 14.16
CA THR C 49 3.35 13.30 13.58
C THR C 49 3.49 12.21 12.52
N VAL C 50 4.45 12.41 11.62
CA VAL C 50 4.80 11.39 10.65
C VAL C 50 6.33 11.29 10.60
N LEU C 51 6.84 10.07 10.61
CA LEU C 51 8.28 9.82 10.60
C LEU C 51 8.62 9.11 9.31
N VAL C 52 9.69 9.59 8.65
CA VAL C 52 10.01 9.17 7.28
C VAL C 52 11.40 8.51 7.10
N ASP C 53 12.38 8.81 7.96
CA ASP C 53 13.77 8.34 7.77
C ASP C 53 14.07 7.04 8.50
N GLN C 54 15.19 6.43 8.12
CA GLN C 54 15.65 5.16 8.68
C GLN C 54 15.77 5.22 10.21
N LYS C 55 16.37 6.29 10.71
CA LYS C 55 16.42 6.62 12.14
C LYS C 55 15.88 8.02 12.22
N ASP C 56 14.66 8.18 12.74
CA ASP C 56 14.02 9.48 12.74
C ASP C 56 13.54 9.84 14.14
N LYS C 57 13.39 11.15 14.36
CA LYS C 57 12.87 11.72 15.59
C LYS C 57 12.00 12.90 15.22
N THR C 58 10.79 12.98 15.75
CA THR C 58 9.94 14.15 15.54
C THR C 58 9.42 14.68 16.88
N SER C 59 8.88 15.89 16.83
CA SER C 59 8.20 16.47 17.99
C SER C 59 7.07 17.37 17.55
N ASN C 60 6.11 17.55 18.44
CA ASN C 60 4.97 18.40 18.21
C ASN C 60 4.37 18.68 19.56
N GLY C 61 4.77 19.82 20.12
CA GLY C 61 4.36 20.22 21.47
C GLY C 61 4.82 19.19 22.49
N ARG C 62 3.88 18.65 23.23
CA ARG C 62 4.17 17.66 24.28
C ARG C 62 4.34 16.22 23.73
N TYR C 63 4.02 16.02 22.45
CA TYR C 63 4.23 14.75 21.76
C TYR C 63 5.65 14.74 21.16
N SER C 64 6.37 13.63 21.33
CA SER C 64 7.61 13.42 20.61
C SER C 64 7.66 11.96 20.26
N ALA C 65 8.35 11.62 19.19
CA ALA C 65 8.37 10.25 18.70
C ALA C 65 9.67 9.88 18.02
N THR C 66 9.95 8.59 17.99
CA THR C 66 11.09 8.03 17.31
C THR C 66 10.66 6.89 16.39
N LEU C 67 11.47 6.69 15.34
CA LEU C 67 11.30 5.58 14.40
C LEU C 67 12.65 4.92 14.13
N ASP C 68 12.70 3.59 14.24
CA ASP C 68 13.88 2.82 13.85
C ASP C 68 13.41 1.77 12.83
N LYS C 69 13.70 2.01 11.56
CA LYS C 69 13.29 1.12 10.46
C LYS C 69 14.00 -0.24 10.44
N ASP C 70 15.24 -0.31 10.92
CA ASP C 70 15.90 -1.63 11.11
C ASP C 70 15.13 -2.52 12.11
N ALA C 71 14.74 -1.94 13.24
CA ALA C 71 13.97 -2.68 14.25
C ALA C 71 12.46 -2.78 13.96
N LYS C 72 11.97 -1.99 12.99
CA LYS C 72 10.53 -1.87 12.69
C LYS C 72 9.74 -1.52 13.95
N HIS C 73 10.17 -0.43 14.55
CA HIS C 73 9.70 0.00 15.83
C HIS C 73 9.61 1.53 15.91
N SER C 74 8.51 2.01 16.50
CA SER C 74 8.33 3.43 16.78
C SER C 74 7.81 3.58 18.22
N THR C 75 8.21 4.68 18.84
CA THR C 75 7.74 5.01 20.18
C THR C 75 7.12 6.42 20.12
N LEU C 76 5.95 6.58 20.72
CA LEU C 76 5.35 7.89 20.93
C LEU C 76 5.45 8.23 22.42
N HIS C 77 6.05 9.38 22.72
CA HIS C 77 6.19 9.87 24.09
C HIS C 77 5.21 11.03 24.25
N ILE C 78 4.38 10.99 25.30
CA ILE C 78 3.56 12.13 25.69
C ILE C 78 4.16 12.64 27.00
N THR C 79 4.58 13.90 27.01
CA THR C 79 5.16 14.53 28.19
C THR C 79 4.07 15.31 28.93
N ALA C 80 4.07 15.23 30.26
CA ALA C 80 3.17 16.03 31.11
C ALA C 80 1.69 15.93 30.68
N THR C 81 1.10 14.76 30.88
CA THR C 81 -0.25 14.45 30.38
C THR C 81 -1.31 15.37 30.97
N LEU C 82 -2.29 15.71 30.13
CA LEU C 82 -3.48 16.48 30.52
C LEU C 82 -4.69 15.60 30.26
N LEU C 83 -5.82 15.99 30.86
CA LEU C 83 -7.10 15.27 30.74
C LEU C 83 -7.51 15.03 29.27
N ASP C 84 -7.27 16.01 28.42
CA ASP C 84 -7.61 15.95 26.99
C ASP C 84 -6.72 15.01 26.16
N ASP C 85 -5.65 14.44 26.76
CA ASP C 85 -4.92 13.32 26.12
C ASP C 85 -5.65 12.00 26.20
N THR C 86 -6.71 11.93 27.00
CA THR C 86 -7.57 10.75 27.05
C THR C 86 -8.16 10.51 25.67
N ALA C 87 -7.80 9.38 25.07
CA ALA C 87 -8.05 9.11 23.66
C ALA C 87 -7.43 7.76 23.33
N THR C 88 -7.69 7.32 22.10
CA THR C 88 -7.02 6.15 21.53
C THR C 88 -5.94 6.68 20.60
N TYR C 89 -4.72 6.11 20.69
CA TYR C 89 -3.58 6.49 19.87
C TYR C 89 -3.30 5.39 18.90
N ILE C 90 -3.21 5.74 17.61
CA ILE C 90 -3.17 4.76 16.52
C ILE C 90 -1.91 4.95 15.70
N CYS C 91 -1.26 3.82 15.43
CA CYS C 91 -0.04 3.72 14.64
C CYS C 91 -0.42 3.31 13.23
N VAL C 92 0.19 3.93 12.21
CA VAL C 92 -0.11 3.60 10.80
C VAL C 92 1.18 3.64 10.00
N VAL C 93 1.43 2.56 9.27
CA VAL C 93 2.62 2.44 8.40
C VAL C 93 2.13 2.52 6.95
N GLY C 94 2.72 3.41 6.16
CA GLY C 94 2.47 3.49 4.71
C GLY C 94 3.56 2.74 3.97
N ASP C 95 3.17 1.87 3.02
CA ASP C 95 4.16 1.04 2.30
C ASP C 95 4.70 1.65 0.98
N ARG C 96 4.33 2.89 0.67
CA ARG C 96 4.91 3.64 -0.46
C ARG C 96 4.93 5.12 -0.16
N GLY C 97 5.87 5.81 -0.79
CA GLY C 97 5.96 7.25 -0.75
C GLY C 97 5.08 7.95 -1.78
N SER C 98 3.96 7.33 -2.17
CA SER C 98 3.00 7.89 -3.12
C SER C 98 1.62 7.26 -2.93
N ALA C 99 0.66 7.70 -3.75
CA ALA C 99 -0.72 7.19 -3.76
C ALA C 99 -0.85 5.70 -4.08
N LEU C 100 0.21 5.10 -4.62
CA LEU C 100 0.26 3.67 -4.83
C LEU C 100 0.35 2.85 -3.54
N GLY C 101 0.60 3.51 -2.42
CA GLY C 101 0.70 2.86 -1.11
C GLY C 101 -0.61 2.43 -0.49
N ARG C 102 -0.51 1.39 0.33
CA ARG C 102 -1.56 0.96 1.25
C ARG C 102 -1.15 1.34 2.67
N LEU C 103 -2.14 1.69 3.47
CA LEU C 103 -1.92 2.03 4.88
C LEU C 103 -2.27 0.82 5.72
N HIS C 104 -1.42 0.53 6.69
CA HIS C 104 -1.58 -0.62 7.56
C HIS C 104 -1.75 -0.07 8.95
N PHE C 105 -2.95 -0.25 9.52
CA PHE C 105 -3.34 0.39 10.77
C PHE C 105 -3.21 -0.58 11.93
N GLY C 106 -2.59 -0.12 13.01
CA GLY C 106 -2.65 -0.80 14.29
C GLY C 106 -4.02 -0.62 14.92
N ALA C 107 -4.34 -1.51 15.86
CA ALA C 107 -5.62 -1.47 16.57
C ALA C 107 -5.69 -0.46 17.74
N GLY C 108 -4.61 0.25 18.02
CA GLY C 108 -4.66 1.39 18.91
C GLY C 108 -4.30 1.08 20.36
N THR C 109 -3.89 2.14 21.06
CA THR C 109 -3.65 2.13 22.50
C THR C 109 -4.59 3.14 23.15
N GLN C 110 -5.38 2.67 24.10
CA GLN C 110 -6.29 3.52 24.86
C GLN C 110 -5.56 4.12 26.07
N LEU C 111 -5.52 5.45 26.13
CA LEU C 111 -4.96 6.16 27.26
C LEU C 111 -6.09 6.82 28.01
N ILE C 112 -6.10 6.63 29.33
CA ILE C 112 -6.94 7.40 30.24
C ILE C 112 -6.03 8.20 31.16
N VAL C 113 -6.31 9.50 31.28
CA VAL C 113 -5.57 10.42 32.14
C VAL C 113 -6.49 10.89 33.27
N ILE C 114 -6.17 10.47 34.50
CA ILE C 114 -6.96 10.86 35.67
C ILE C 114 -6.59 12.29 36.06
N PRO C 115 -7.58 13.19 36.13
CA PRO C 115 -7.27 14.61 36.40
C PRO C 115 -6.99 14.88 37.86
N ASP C 116 -6.22 15.93 38.11
CA ASP C 116 -5.81 16.32 39.46
C ASP C 116 -6.84 17.30 40.03
N ILE C 117 -7.60 16.87 41.04
CA ILE C 117 -8.63 17.70 41.68
C ILE C 117 -8.02 18.36 42.90
N GLN C 118 -7.60 19.61 42.75
CA GLN C 118 -6.86 20.34 43.80
C GLN C 118 -7.69 20.58 45.07
N ASN C 119 -8.90 21.13 44.89
CA ASN C 119 -9.72 21.64 45.99
C ASN C 119 -11.07 20.92 46.12
N PRO C 120 -11.05 19.64 46.56
CA PRO C 120 -12.31 18.90 46.68
C PRO C 120 -13.29 19.48 47.71
N ASP C 121 -14.58 19.22 47.49
CA ASP C 121 -15.67 19.84 48.25
C ASP C 121 -16.92 18.96 48.09
N PRO C 122 -16.79 17.66 48.40
CA PRO C 122 -17.84 16.69 48.07
C PRO C 122 -19.24 17.02 48.63
N ALA C 123 -20.25 16.95 47.77
CA ALA C 123 -21.61 17.30 48.15
C ALA C 123 -22.60 16.52 47.34
N VAL C 124 -23.82 16.37 47.87
CA VAL C 124 -24.95 15.80 47.15
C VAL C 124 -26.06 16.83 47.12
N TYR C 125 -26.33 17.37 45.94
CA TYR C 125 -27.38 18.38 45.74
C TYR C 125 -28.60 17.76 45.07
N GLN C 126 -29.76 18.34 45.32
CA GLN C 126 -31.00 17.93 44.67
C GLN C 126 -31.38 19.01 43.65
N LEU C 127 -31.68 18.59 42.42
CA LEU C 127 -32.03 19.51 41.32
C LEU C 127 -33.44 19.18 40.81
N ARG C 128 -34.24 20.20 40.56
CA ARG C 128 -35.64 20.02 40.15
C ARG C 128 -35.82 20.28 38.65
N ASP C 129 -36.70 19.51 38.03
CA ASP C 129 -37.07 19.64 36.61
C ASP C 129 -37.71 21.01 36.38
N SER C 130 -37.21 21.74 35.38
CA SER C 130 -37.67 23.10 35.07
C SER C 130 -39.16 23.21 34.70
N LYS C 131 -39.75 22.12 34.20
CA LYS C 131 -41.17 22.05 33.81
C LYS C 131 -42.05 21.35 34.86
N SER C 132 -41.47 20.47 35.65
CA SER C 132 -42.22 19.63 36.57
C SER C 132 -41.50 19.57 37.92
N SER C 133 -41.80 20.56 38.77
CA SER C 133 -41.08 20.77 40.05
C SER C 133 -41.11 19.59 41.05
N ASP C 134 -42.05 18.65 40.88
CA ASP C 134 -42.08 17.40 41.66
C ASP C 134 -41.02 16.34 41.24
N LYS C 135 -40.61 16.32 39.97
CA LYS C 135 -39.52 15.43 39.50
C LYS C 135 -38.14 16.03 39.82
N SER C 136 -37.18 15.20 40.24
CA SER C 136 -35.83 15.67 40.59
C SER C 136 -34.73 14.64 40.32
N VAL C 137 -33.48 15.09 40.39
CA VAL C 137 -32.31 14.22 40.31
C VAL C 137 -31.35 14.57 41.46
N CYS C 138 -30.43 13.66 41.77
CA CYS C 138 -29.39 13.91 42.77
C CYS C 138 -28.02 13.97 42.12
N LEU C 139 -27.32 15.07 42.37
CA LEU C 139 -26.00 15.32 41.83
C LEU C 139 -24.96 15.16 42.93
N PHE C 140 -24.16 14.10 42.84
CA PHE C 140 -23.00 13.92 43.73
C PHE C 140 -21.83 14.55 42.99
N THR C 141 -21.21 15.58 43.55
CA THR C 141 -20.20 16.36 42.84
C THR C 141 -19.03 16.83 43.73
N ASP C 142 -17.97 17.31 43.08
CA ASP C 142 -16.81 17.94 43.74
C ASP C 142 -15.93 17.00 44.60
N PHE C 143 -16.04 15.69 44.37
CA PHE C 143 -15.21 14.69 45.04
C PHE C 143 -13.92 14.45 44.24
N ASP C 144 -12.83 14.14 44.93
CA ASP C 144 -11.55 13.88 44.23
C ASP C 144 -11.55 12.47 43.63
N SER C 145 -10.51 12.14 42.88
CA SER C 145 -10.45 10.89 42.10
C SER C 145 -10.14 9.62 42.92
N GLN C 146 -9.98 9.74 44.24
CA GLN C 146 -9.97 8.57 45.14
C GLN C 146 -11.37 7.94 45.33
N THR C 147 -12.43 8.72 45.15
CA THR C 147 -13.81 8.20 45.31
C THR C 147 -14.23 7.44 44.06
N ASN C 148 -14.85 6.27 44.26
CA ASN C 148 -15.47 5.48 43.19
C ASN C 148 -16.98 5.43 43.40
N VAL C 149 -17.73 5.51 42.29
CA VAL C 149 -19.19 5.49 42.32
C VAL C 149 -19.67 4.11 41.88
N SER C 150 -20.67 3.58 42.56
CA SER C 150 -21.17 2.22 42.29
C SER C 150 -22.63 2.27 41.83
N GLN C 151 -22.94 1.58 40.74
CA GLN C 151 -24.30 1.53 40.17
C GLN C 151 -25.09 0.37 40.75
N ASP C 154 -31.28 -1.81 44.19
CA ASP C 154 -32.54 -1.55 43.52
C ASP C 154 -32.31 -1.25 42.03
N SER C 155 -33.07 -1.93 41.15
CA SER C 155 -32.95 -1.75 39.69
C SER C 155 -33.88 -0.66 39.13
N ASP C 156 -34.72 -0.08 39.99
CA ASP C 156 -35.53 1.11 39.64
C ASP C 156 -34.87 2.44 40.08
N VAL C 157 -33.66 2.37 40.64
CA VAL C 157 -32.81 3.53 40.90
C VAL C 157 -31.67 3.52 39.88
N TYR C 158 -31.42 4.67 39.24
CA TYR C 158 -30.37 4.79 38.23
C TYR C 158 -29.26 5.69 38.75
N ILE C 159 -28.02 5.24 38.57
CA ILE C 159 -26.85 5.99 38.96
C ILE C 159 -25.87 5.94 37.80
N THR C 160 -25.43 7.11 37.33
CA THR C 160 -24.47 7.15 36.23
C THR C 160 -23.06 6.93 36.76
N ASP C 161 -22.16 6.60 35.86
CA ASP C 161 -20.74 6.54 36.16
C ASP C 161 -20.25 7.98 36.32
N LYS C 162 -19.09 8.16 36.96
CA LYS C 162 -18.54 9.49 37.15
C LYS C 162 -18.05 10.08 35.83
N CYS C 163 -17.87 11.40 35.84
CA CYS C 163 -17.58 12.15 34.65
C CYS C 163 -16.95 13.49 35.04
N VAL C 164 -15.86 13.88 34.38
CA VAL C 164 -15.14 15.09 34.72
C VAL C 164 -15.39 16.21 33.72
N LEU C 165 -15.75 17.39 34.23
CA LEU C 165 -15.99 18.57 33.41
C LEU C 165 -14.89 19.59 33.67
N ASP C 166 -14.67 20.47 32.71
CA ASP C 166 -13.55 21.38 32.73
C ASP C 166 -14.08 22.76 32.37
N MET C 167 -14.20 23.62 33.40
CA MET C 167 -14.59 25.01 33.23
C MET C 167 -13.32 25.77 32.83
N ARG C 168 -13.07 25.80 31.52
CA ARG C 168 -11.77 26.21 30.97
C ARG C 168 -11.30 27.62 31.38
N SER C 169 -12.21 28.60 31.35
CA SER C 169 -11.86 29.99 31.67
C SER C 169 -11.42 30.20 33.14
N MET C 170 -11.93 29.36 34.04
CA MET C 170 -11.56 29.42 35.47
C MET C 170 -10.43 28.45 35.89
N ASP C 171 -9.87 27.69 34.95
CA ASP C 171 -8.92 26.59 35.24
C ASP C 171 -9.42 25.72 36.40
N PHE C 172 -10.64 25.19 36.22
CA PHE C 172 -11.33 24.45 37.27
C PHE C 172 -11.93 23.17 36.71
N LYS C 173 -11.67 22.05 37.39
CA LYS C 173 -12.23 20.75 37.01
C LYS C 173 -13.03 20.13 38.16
N SER C 174 -14.06 19.36 37.82
CA SER C 174 -14.87 18.69 38.84
C SER C 174 -15.52 17.42 38.31
N ASN C 175 -15.54 16.42 39.17
CA ASN C 175 -16.20 15.16 38.91
C ASN C 175 -17.63 15.27 39.37
N SER C 176 -18.50 14.49 38.77
CA SER C 176 -19.85 14.34 39.28
C SER C 176 -20.47 13.03 38.85
N ALA C 177 -21.52 12.62 39.55
CA ALA C 177 -22.39 11.56 39.07
C ALA C 177 -23.81 11.94 39.41
N VAL C 178 -24.75 11.31 38.72
CA VAL C 178 -26.15 11.68 38.80
C VAL C 178 -26.92 10.43 39.20
N ALA C 179 -27.96 10.60 40.03
CA ALA C 179 -28.83 9.52 40.41
C ALA C 179 -30.28 9.98 40.43
N TRP C 180 -31.19 9.11 39.97
CA TRP C 180 -32.63 9.41 39.97
C TRP C 180 -33.49 8.14 40.07
N SER C 181 -34.76 8.32 40.42
CA SER C 181 -35.73 7.22 40.57
C SER C 181 -37.13 7.74 40.85
N ASN C 182 -38.11 6.84 40.84
CA ASN C 182 -39.49 7.13 41.29
C ASN C 182 -40.04 5.98 42.14
N ASP C 185 -40.39 6.65 47.84
CA ASP C 185 -39.39 6.28 48.84
C ASP C 185 -37.95 6.31 48.30
N PHE C 186 -37.64 7.34 47.52
CA PHE C 186 -36.27 7.65 47.07
C PHE C 186 -35.95 9.10 47.44
N ALA C 187 -34.78 9.31 48.05
CA ALA C 187 -34.28 10.65 48.39
C ALA C 187 -32.76 10.71 48.23
N CYS C 188 -32.23 11.92 48.13
CA CYS C 188 -30.81 12.14 47.83
C CYS C 188 -29.85 11.76 48.97
N ALA C 189 -30.33 11.85 50.22
CA ALA C 189 -29.58 11.33 51.37
C ALA C 189 -29.36 9.81 51.27
N ASN C 190 -30.33 9.11 50.68
CA ASN C 190 -30.28 7.65 50.46
C ASN C 190 -29.60 7.26 49.14
N ALA C 191 -29.41 8.20 48.22
CA ALA C 191 -29.09 7.88 46.82
C ALA C 191 -27.78 7.15 46.60
N PHE C 192 -26.71 7.67 47.21
CA PHE C 192 -25.36 7.11 47.02
C PHE C 192 -24.88 6.28 48.23
N ASN C 193 -25.80 5.58 48.88
CA ASN C 193 -25.47 4.74 50.05
C ASN C 193 -24.55 3.57 49.70
N ASN C 194 -24.73 2.98 48.52
CA ASN C 194 -23.88 1.87 48.05
C ASN C 194 -22.47 2.31 47.57
N SER C 195 -22.14 3.60 47.63
CA SER C 195 -20.80 4.11 47.28
C SER C 195 -20.04 4.53 48.54
N ILE C 196 -18.73 4.27 48.55
CA ILE C 196 -17.86 4.72 49.62
C ILE C 196 -17.52 6.20 49.39
N ILE C 197 -18.41 7.07 49.87
CA ILE C 197 -18.27 8.51 49.68
C ILE C 197 -17.47 9.11 50.85
N PRO C 198 -16.81 10.28 50.64
CA PRO C 198 -16.07 10.91 51.73
C PRO C 198 -16.92 11.22 52.97
N GLU C 199 -16.33 11.07 54.15
CA GLU C 199 -17.03 11.35 55.41
C GLU C 199 -17.43 12.83 55.53
N ASP C 200 -16.62 13.73 54.99
CA ASP C 200 -16.91 15.19 54.99
C ASP C 200 -17.97 15.66 53.94
N THR C 201 -18.72 14.75 53.35
CA THR C 201 -19.68 15.11 52.30
C THR C 201 -20.83 15.99 52.83
N PHE C 202 -21.09 17.07 52.11
CA PHE C 202 -22.12 18.05 52.46
C PHE C 202 -23.49 17.58 51.97
N PHE C 203 -24.45 17.50 52.89
CA PHE C 203 -25.86 17.21 52.58
C PHE C 203 -26.72 18.36 53.10
N PRO C 204 -27.13 19.30 52.23
CA PRO C 204 -27.84 20.53 52.70
C PRO C 204 -29.30 20.34 53.14
N SER C 205 -29.88 21.42 53.69
CA SER C 205 -31.32 21.52 54.04
C SER C 205 -31.78 20.50 55.07
N ALA D 3 -7.08 20.99 2.90
CA ALA D 3 -7.66 19.77 2.26
C ALA D 3 -8.69 19.02 3.15
N ALA D 4 -9.99 19.32 2.95
CA ALA D 4 -11.08 18.79 3.79
C ALA D 4 -11.94 17.73 3.07
N VAL D 5 -12.53 16.84 3.88
CA VAL D 5 -13.42 15.77 3.40
C VAL D 5 -14.65 15.71 4.29
N THR D 6 -15.83 15.53 3.69
CA THR D 6 -17.08 15.43 4.45
C THR D 6 -17.77 14.10 4.17
N GLN D 7 -18.61 13.67 5.10
CA GLN D 7 -19.33 12.42 5.00
C GLN D 7 -20.78 12.64 5.40
N SER D 8 -21.70 11.98 4.71
CA SER D 8 -23.11 12.00 5.11
C SER D 8 -23.76 10.65 4.81
N PRO D 9 -24.69 10.19 5.64
CA PRO D 9 -25.00 10.82 6.93
C PRO D 9 -23.84 10.61 7.91
N ARG D 10 -23.93 11.25 9.06
CA ARG D 10 -22.90 11.10 10.10
C ARG D 10 -23.22 9.95 11.04
N ASN D 11 -24.49 9.56 11.06
CA ASN D 11 -24.99 8.52 11.91
C ASN D 11 -26.26 7.96 11.26
N LYS D 12 -26.43 6.63 11.30
CA LYS D 12 -27.53 5.96 10.61
C LYS D 12 -27.89 4.65 11.35
N VAL D 13 -29.19 4.50 11.65
CA VAL D 13 -29.77 3.22 12.07
C VAL D 13 -30.51 2.64 10.86
N ALA D 14 -30.26 1.35 10.56
CA ALA D 14 -30.92 0.65 9.46
C ALA D 14 -31.36 -0.75 9.87
N VAL D 15 -32.21 -1.34 9.04
CA VAL D 15 -32.74 -2.68 9.26
C VAL D 15 -32.02 -3.68 8.33
N THR D 16 -31.83 -4.91 8.82
CA THR D 16 -31.32 -6.02 7.99
C THR D 16 -32.11 -6.16 6.70
N GLY D 17 -31.41 -6.34 5.58
CA GLY D 17 -32.04 -6.42 4.27
C GLY D 17 -32.31 -5.09 3.60
N GLY D 18 -32.15 -3.98 4.32
CA GLY D 18 -32.33 -2.66 3.72
C GLY D 18 -31.15 -2.19 2.89
N LYS D 19 -31.36 -1.11 2.16
CA LYS D 19 -30.33 -0.47 1.34
C LYS D 19 -29.84 0.76 2.08
N VAL D 20 -28.52 0.82 2.26
CA VAL D 20 -27.85 1.95 2.92
C VAL D 20 -26.78 2.47 1.99
N THR D 21 -26.75 3.79 1.81
CA THR D 21 -25.74 4.49 1.05
C THR D 21 -25.00 5.47 1.96
N LEU D 22 -23.67 5.38 1.96
CA LEU D 22 -22.83 6.30 2.71
C LEU D 22 -22.06 7.14 1.72
N SER D 23 -22.12 8.45 1.87
CA SER D 23 -21.55 9.36 0.89
C SER D 23 -20.34 10.08 1.46
N CYS D 24 -19.37 10.29 0.58
CA CYS D 24 -18.20 11.05 0.91
C CYS D 24 -18.05 12.13 -0.14
N ASN D 25 -17.78 13.36 0.29
CA ASN D 25 -17.57 14.50 -0.59
C ASN D 25 -16.27 15.24 -0.28
N GLN D 26 -15.66 15.74 -1.34
CA GLN D 26 -14.30 16.22 -1.30
C GLN D 26 -14.12 17.22 -2.45
N THR D 27 -13.85 18.49 -2.12
CA THR D 27 -13.67 19.55 -3.11
C THR D 27 -12.19 19.94 -3.28
N ASN D 28 -11.26 19.01 -2.98
CA ASN D 28 -9.81 19.26 -3.13
C ASN D 28 -9.29 19.01 -4.55
N ASN D 29 -10.15 18.51 -5.43
CA ASN D 29 -9.77 17.99 -6.74
C ASN D 29 -8.77 16.83 -6.67
N HIS D 30 -8.91 16.02 -5.62
CA HIS D 30 -8.13 14.80 -5.48
C HIS D 30 -8.71 13.71 -6.37
N ASN D 31 -7.84 13.07 -7.14
CA ASN D 31 -8.22 11.92 -7.96
C ASN D 31 -8.62 10.72 -7.13
N ASN D 32 -8.01 10.56 -5.95
CA ASN D 32 -8.04 9.27 -5.25
C ASN D 32 -8.86 9.33 -3.98
N MET D 33 -9.72 8.33 -3.80
CA MET D 33 -10.60 8.26 -2.64
C MET D 33 -10.68 6.83 -2.12
N TYR D 34 -10.92 6.68 -0.82
CA TYR D 34 -10.73 5.40 -0.14
C TYR D 34 -11.79 5.26 0.93
N TRP D 35 -12.36 4.07 1.08
CA TRP D 35 -13.35 3.79 2.15
C TRP D 35 -12.78 2.73 3.09
N TYR D 36 -12.91 2.97 4.39
CA TYR D 36 -12.50 2.05 5.43
C TYR D 36 -13.63 1.82 6.44
N ARG D 37 -13.55 0.71 7.17
CA ARG D 37 -14.33 0.53 8.40
C ARG D 37 -13.42 0.28 9.60
N GLN D 38 -13.87 0.77 10.75
CA GLN D 38 -13.13 0.62 12.01
C GLN D 38 -14.03 -0.12 12.97
N ASP D 39 -13.55 -1.28 13.43
CA ASP D 39 -14.20 -2.10 14.43
C ASP D 39 -13.25 -2.33 15.60
N THR D 40 -13.78 -2.38 16.82
CA THR D 40 -12.93 -2.47 18.02
C THR D 40 -12.06 -3.72 17.94
N GLY D 41 -10.80 -3.59 18.35
CA GLY D 41 -9.83 -4.70 18.26
C GLY D 41 -9.16 -4.84 16.90
N HIS D 42 -9.53 -3.98 15.94
CA HIS D 42 -8.92 -3.96 14.61
C HIS D 42 -8.49 -2.54 14.28
N GLY D 43 -7.43 -2.42 13.48
CA GLY D 43 -7.11 -1.18 12.83
C GLY D 43 -8.10 -0.95 11.69
N LEU D 44 -8.15 0.27 11.17
CA LEU D 44 -8.96 0.56 9.97
C LEU D 44 -8.65 -0.44 8.88
N ARG D 45 -9.69 -0.95 8.21
CA ARG D 45 -9.52 -1.90 7.11
C ARG D 45 -10.14 -1.36 5.82
N LEU D 46 -9.39 -1.44 4.72
CA LEU D 46 -9.80 -0.91 3.43
C LEU D 46 -10.87 -1.77 2.76
N ILE D 47 -11.99 -1.16 2.34
CA ILE D 47 -13.12 -1.86 1.69
C ILE D 47 -13.09 -1.71 0.16
N HIS D 48 -13.10 -0.47 -0.29
CA HIS D 48 -13.06 -0.09 -1.71
C HIS D 48 -12.28 1.22 -1.82
N TYR D 49 -11.67 1.43 -2.97
CA TYR D 49 -11.03 2.70 -3.27
C TYR D 49 -11.27 3.06 -4.74
N SER D 50 -10.76 4.23 -5.15
CA SER D 50 -11.04 4.74 -6.49
C SER D 50 -9.98 5.70 -6.93
N TYR D 51 -9.55 5.56 -8.19
CA TYR D 51 -8.51 6.42 -8.77
C TYR D 51 -9.10 7.55 -9.64
N GLY D 52 -10.42 7.72 -9.64
CA GLY D 52 -11.05 8.83 -10.38
C GLY D 52 -12.45 8.50 -10.80
N ALA D 53 -13.15 9.49 -11.36
CA ALA D 53 -14.53 9.31 -11.83
C ALA D 53 -14.68 8.05 -12.67
N GLY D 54 -15.60 7.17 -12.29
CA GLY D 54 -15.84 5.92 -13.00
C GLY D 54 -14.98 4.74 -12.58
N SER D 55 -13.91 4.99 -11.81
CA SER D 55 -13.02 3.94 -11.32
C SER D 55 -13.50 3.52 -9.93
N THR D 56 -13.62 2.22 -9.75
CA THR D 56 -13.93 1.63 -8.48
C THR D 56 -13.09 0.36 -8.38
N GLU D 57 -12.44 0.16 -7.23
CA GLU D 57 -11.54 -0.98 -7.03
C GLU D 57 -11.77 -1.64 -5.69
N LYS D 58 -11.65 -2.96 -5.67
CA LYS D 58 -11.79 -3.74 -4.45
C LYS D 58 -10.61 -3.53 -3.51
N GLY D 59 -10.92 -3.33 -2.23
CA GLY D 59 -9.93 -3.26 -1.17
C GLY D 59 -9.65 -4.63 -0.58
N ASP D 60 -9.37 -4.67 0.72
CA ASP D 60 -9.09 -5.91 1.46
C ASP D 60 -10.35 -6.69 1.85
N ILE D 61 -11.45 -5.98 2.16
CA ILE D 61 -12.71 -6.60 2.60
C ILE D 61 -13.93 -6.04 1.84
N PRO D 62 -13.93 -6.19 0.50
CA PRO D 62 -15.00 -5.65 -0.33
C PRO D 62 -16.38 -6.30 -0.17
N ASP D 63 -16.46 -7.53 0.37
CA ASP D 63 -17.70 -8.33 0.32
C ASP D 63 -18.87 -7.72 1.12
N GLY D 64 -20.01 -7.58 0.45
CA GLY D 64 -21.22 -6.98 1.02
C GLY D 64 -21.38 -5.50 0.67
N TYR D 65 -20.41 -4.94 -0.05
CA TYR D 65 -20.34 -3.51 -0.36
C TYR D 65 -20.10 -3.35 -1.85
N LYS D 66 -20.85 -2.43 -2.47
CA LYS D 66 -20.50 -1.86 -3.76
C LYS D 66 -20.01 -0.44 -3.51
N ALA D 67 -19.21 0.08 -4.44
CA ALA D 67 -18.72 1.45 -4.39
C ALA D 67 -19.12 2.16 -5.68
N SER D 68 -19.29 3.48 -5.62
CA SER D 68 -19.63 4.26 -6.79
C SER D 68 -18.87 5.59 -6.76
N ARG D 69 -18.21 5.92 -7.86
CA ARG D 69 -17.51 7.19 -8.04
C ARG D 69 -18.10 7.91 -9.26
N PRO D 70 -19.27 8.59 -9.06
CA PRO D 70 -19.91 9.26 -10.21
C PRO D 70 -19.20 10.50 -10.69
N SER D 71 -18.43 11.14 -9.81
CA SER D 71 -17.69 12.35 -10.14
C SER D 71 -16.39 12.38 -9.37
N GLN D 72 -15.54 13.37 -9.67
CA GLN D 72 -14.31 13.62 -8.91
C GLN D 72 -14.62 13.92 -7.45
N GLU D 73 -15.73 14.62 -7.22
CA GLU D 73 -16.11 15.08 -5.88
C GLU D 73 -16.67 13.99 -4.96
N ASN D 74 -17.45 13.04 -5.49
CA ASN D 74 -18.24 12.14 -4.68
CA ASN D 74 -18.23 12.13 -4.66
C ASN D 74 -17.83 10.68 -4.84
N PHE D 75 -17.78 9.97 -3.71
CA PHE D 75 -17.46 8.55 -3.63
C PHE D 75 -18.43 7.96 -2.62
N SER D 76 -19.22 6.98 -3.06
CA SER D 76 -20.24 6.40 -2.20
C SER D 76 -19.97 4.94 -1.95
N LEU D 77 -20.38 4.50 -0.77
CA LEU D 77 -20.33 3.12 -0.39
C LEU D 77 -21.78 2.66 -0.29
N ILE D 78 -22.11 1.62 -1.04
CA ILE D 78 -23.48 1.14 -1.15
C ILE D 78 -23.56 -0.25 -0.50
N LEU D 79 -24.45 -0.39 0.46
CA LEU D 79 -24.77 -1.67 1.08
C LEU D 79 -26.18 -2.04 0.60
N GLU D 80 -26.28 -2.96 -0.35
CA GLU D 80 -27.57 -3.27 -0.99
C GLU D 80 -28.48 -4.12 -0.09
N LEU D 81 -27.88 -5.08 0.63
CA LEU D 81 -28.60 -5.90 1.60
C LEU D 81 -27.86 -5.82 2.95
N ALA D 82 -28.23 -4.83 3.75
CA ALA D 82 -27.51 -4.53 4.99
C ALA D 82 -27.58 -5.71 5.95
N THR D 83 -26.49 -5.97 6.67
CA THR D 83 -26.48 -7.01 7.71
C THR D 83 -25.92 -6.46 9.02
N PRO D 84 -26.30 -7.07 10.18
CA PRO D 84 -25.73 -6.67 11.47
C PRO D 84 -24.19 -6.61 11.51
N SER D 85 -23.51 -7.52 10.81
CA SER D 85 -22.05 -7.50 10.70
C SER D 85 -21.46 -6.21 10.06
N GLN D 86 -22.29 -5.45 9.35
CA GLN D 86 -21.90 -4.15 8.78
C GLN D 86 -22.09 -2.97 9.76
N THR D 87 -22.45 -3.26 11.00
CA THR D 87 -22.39 -2.29 12.08
C THR D 87 -20.92 -1.95 12.31
N SER D 88 -20.59 -0.67 12.20
CA SER D 88 -19.20 -0.19 12.27
C SER D 88 -19.16 1.33 12.25
N VAL D 89 -17.94 1.87 12.25
CA VAL D 89 -17.70 3.28 11.98
C VAL D 89 -16.93 3.33 10.66
N TYR D 90 -17.47 4.07 9.69
CA TYR D 90 -16.92 4.10 8.33
C TYR D 90 -16.21 5.40 8.09
N PHE D 91 -15.00 5.31 7.53
CA PHE D 91 -14.18 6.48 7.24
C PHE D 91 -13.83 6.52 5.78
N CYS D 92 -13.97 7.70 5.21
CA CYS D 92 -13.61 7.96 3.85
C CYS D 92 -12.37 8.84 3.90
N ALA D 93 -11.55 8.74 2.87
CA ALA D 93 -10.40 9.62 2.73
C ALA D 93 -10.12 9.93 1.27
N SER D 94 -9.39 11.02 1.04
CA SER D 94 -8.94 11.35 -0.31
C SER D 94 -7.47 11.76 -0.32
N GLY D 95 -6.90 11.81 -1.51
CA GLY D 95 -5.53 12.24 -1.68
C GLY D 95 -5.20 12.44 -3.16
N ASP D 96 -4.15 13.21 -3.41
CA ASP D 96 -3.60 13.32 -4.75
C ASP D 96 -2.53 12.23 -4.96
N GLU D 97 -1.52 12.51 -5.78
CA GLU D 97 -0.47 11.55 -6.08
C GLU D 97 0.44 11.23 -4.88
N GLY D 98 0.48 12.11 -3.89
CA GLY D 98 1.25 11.87 -2.65
C GLY D 98 0.63 10.81 -1.76
N TYR D 99 1.40 10.35 -0.77
CA TYR D 99 0.92 9.29 0.14
C TYR D 99 -0.12 9.72 1.19
N THR D 100 -0.25 11.02 1.46
CA THR D 100 -1.13 11.47 2.55
C THR D 100 -2.58 11.20 2.17
N GLN D 101 -3.32 10.63 3.10
CA GLN D 101 -4.75 10.43 2.95
C GLN D 101 -5.40 11.35 3.93
N TYR D 102 -6.32 12.18 3.45
CA TYR D 102 -7.02 13.16 4.25
C TYR D 102 -8.34 12.54 4.62
N PHE D 103 -8.54 12.27 5.91
CA PHE D 103 -9.72 11.51 6.37
C PHE D 103 -10.94 12.37 6.72
N GLY D 104 -12.12 11.85 6.40
CA GLY D 104 -13.38 12.42 6.84
C GLY D 104 -13.64 12.14 8.31
N PRO D 105 -14.74 12.71 8.85
CA PRO D 105 -15.04 12.61 10.29
C PRO D 105 -15.63 11.28 10.74
N GLY D 106 -15.97 10.41 9.80
CA GLY D 106 -16.50 9.10 10.11
C GLY D 106 -18.02 9.06 10.11
N THR D 107 -18.56 7.88 9.86
CA THR D 107 -20.01 7.68 9.85
C THR D 107 -20.29 6.45 10.69
N ARG D 108 -21.19 6.60 11.67
CA ARG D 108 -21.60 5.48 12.50
C ARG D 108 -22.83 4.81 11.94
N LEU D 109 -22.73 3.50 11.67
CA LEU D 109 -23.85 2.71 11.18
C LEU D 109 -24.22 1.61 12.17
N LEU D 110 -25.50 1.50 12.49
CA LEU D 110 -26.05 0.38 13.24
C LEU D 110 -27.07 -0.32 12.36
N VAL D 111 -26.89 -1.62 12.12
CA VAL D 111 -27.87 -2.41 11.38
C VAL D 111 -28.59 -3.32 12.38
N LEU D 112 -29.83 -2.98 12.73
CA LEU D 112 -30.64 -3.79 13.68
C LEU D 112 -31.34 -4.93 12.93
N GLU D 113 -31.58 -6.04 13.65
CA GLU D 113 -32.33 -7.17 13.11
C GLU D 113 -33.74 -6.73 12.72
N ASP D 114 -34.31 -5.85 13.54
CA ASP D 114 -35.68 -5.39 13.40
C ASP D 114 -35.83 -4.02 14.07
N LEU D 115 -36.75 -3.20 13.56
CA LEU D 115 -36.95 -1.83 14.07
C LEU D 115 -38.06 -1.63 15.12
N ARG D 116 -38.70 -2.70 15.57
CA ARG D 116 -39.93 -2.58 16.40
C ARG D 116 -39.77 -1.80 17.71
N ASN D 117 -38.58 -1.83 18.31
CA ASN D 117 -38.32 -1.16 19.58
C ASN D 117 -37.71 0.25 19.45
N VAL D 118 -37.52 0.75 18.22
CA VAL D 118 -36.95 2.08 18.01
C VAL D 118 -37.87 3.15 18.61
N THR D 119 -37.33 4.00 19.48
CA THR D 119 -38.13 5.00 20.22
C THR D 119 -37.30 6.26 20.48
N PRO D 120 -37.87 7.46 20.24
CA PRO D 120 -37.11 8.69 20.54
C PRO D 120 -37.02 8.98 22.05
N PRO D 121 -36.04 9.79 22.49
CA PRO D 121 -35.94 10.14 23.89
C PRO D 121 -37.00 11.15 24.35
N LYS D 122 -37.28 11.13 25.65
CA LYS D 122 -37.85 12.28 26.36
C LYS D 122 -36.67 12.99 26.97
N VAL D 123 -36.76 14.31 27.04
CA VAL D 123 -35.65 15.09 27.54
C VAL D 123 -36.17 16.05 28.59
N SER D 124 -35.45 16.11 29.70
CA SER D 124 -35.79 16.99 30.81
C SER D 124 -34.53 17.69 31.24
N LEU D 125 -34.67 18.98 31.56
CA LEU D 125 -33.57 19.80 32.05
C LEU D 125 -33.85 20.14 33.52
N PHE D 126 -32.88 19.85 34.38
CA PHE D 126 -32.99 20.04 35.81
C PHE D 126 -32.15 21.25 36.21
N GLU D 127 -32.78 22.18 36.92
CA GLU D 127 -32.19 23.46 37.27
C GLU D 127 -31.23 23.32 38.46
N PRO D 128 -30.20 24.19 38.51
CA PRO D 128 -29.21 24.17 39.58
C PRO D 128 -29.77 24.37 40.99
N SER D 129 -29.20 23.62 41.93
CA SER D 129 -29.50 23.73 43.36
C SER D 129 -29.09 25.10 43.92
N LYS D 130 -30.00 25.75 44.64
CA LYS D 130 -29.69 26.98 45.40
C LYS D 130 -28.59 26.75 46.45
N ALA D 131 -28.59 25.55 47.04
CA ALA D 131 -27.53 25.11 47.95
C ALA D 131 -26.14 25.07 47.27
N GLU D 132 -26.09 24.55 46.04
CA GLU D 132 -24.83 24.52 45.29
C GLU D 132 -24.35 25.93 45.01
N ILE D 133 -25.27 26.80 44.61
CA ILE D 133 -24.98 28.21 44.32
C ILE D 133 -24.32 28.90 45.53
N SER D 134 -24.94 28.78 46.70
CA SER D 134 -24.40 29.43 47.92
C SER D 134 -23.11 28.76 48.43
N HIS D 135 -23.03 27.43 48.31
CA HIS D 135 -21.85 26.69 48.78
C HIS D 135 -20.59 26.86 47.91
N THR D 136 -20.75 26.94 46.58
CA THR D 136 -19.61 27.00 45.64
C THR D 136 -19.51 28.25 44.77
N GLN D 137 -20.58 29.06 44.70
CA GLN D 137 -20.74 30.11 43.68
C GLN D 137 -20.75 29.57 42.22
N LYS D 138 -21.12 28.30 42.07
CA LYS D 138 -21.28 27.66 40.77
C LYS D 138 -22.69 27.08 40.65
N ALA D 139 -23.14 26.91 39.41
CA ALA D 139 -24.48 26.39 39.10
C ALA D 139 -24.39 25.24 38.09
N THR D 140 -24.81 24.05 38.49
CA THR D 140 -24.75 22.87 37.62
C THR D 140 -26.15 22.54 37.13
N LEU D 141 -26.36 22.61 35.81
CA LEU D 141 -27.57 22.16 35.16
C LEU D 141 -27.39 20.69 34.81
N VAL D 142 -28.46 19.90 34.90
CA VAL D 142 -28.40 18.51 34.49
C VAL D 142 -29.48 18.23 33.45
N CYS D 143 -29.09 17.52 32.39
CA CYS D 143 -29.98 17.09 31.33
C CYS D 143 -30.10 15.59 31.35
N LEU D 144 -31.31 15.09 31.16
CA LEU D 144 -31.62 13.68 31.23
C LEU D 144 -32.41 13.34 29.99
N ALA D 145 -31.88 12.45 29.18
CA ALA D 145 -32.56 11.91 28.04
C ALA D 145 -32.97 10.49 28.44
N THR D 146 -34.24 10.16 28.32
CA THR D 146 -34.76 8.89 28.80
C THR D 146 -35.65 8.20 27.77
N GLY D 147 -35.76 6.88 27.92
CA GLY D 147 -36.76 6.07 27.21
C GLY D 147 -36.47 5.77 25.73
N PHE D 148 -35.21 5.91 25.30
CA PHE D 148 -34.85 5.81 23.88
C PHE D 148 -34.19 4.50 23.49
N TYR D 149 -34.32 4.16 22.20
CA TYR D 149 -33.70 2.96 21.65
C TYR D 149 -33.58 3.14 20.14
N PRO D 150 -32.48 2.74 19.50
CA PRO D 150 -31.26 2.26 20.13
C PRO D 150 -30.45 3.41 20.73
N ASP D 151 -29.18 3.18 21.04
CA ASP D 151 -28.36 4.17 21.76
C ASP D 151 -27.60 5.21 20.89
N HIS D 152 -28.08 5.45 19.67
CA HIS D 152 -27.47 6.42 18.75
C HIS D 152 -28.08 7.80 18.96
N VAL D 153 -27.50 8.53 19.91
CA VAL D 153 -27.87 9.91 20.23
C VAL D 153 -26.64 10.79 20.31
N GLU D 154 -26.83 12.07 19.99
CA GLU D 154 -25.81 13.11 20.20
C GLU D 154 -26.45 14.18 21.09
N LEU D 155 -25.90 14.34 22.29
CA LEU D 155 -26.37 15.34 23.23
C LEU D 155 -25.46 16.54 23.15
N SER D 156 -26.06 17.72 23.05
CA SER D 156 -25.31 18.99 23.02
C SER D 156 -25.99 20.06 23.88
N TRP D 157 -25.20 21.01 24.36
CA TRP D 157 -25.67 22.12 25.19
C TRP D 157 -25.58 23.43 24.42
N TRP D 158 -26.62 24.25 24.52
CA TRP D 158 -26.71 25.52 23.78
C TRP D 158 -27.12 26.64 24.74
N VAL D 159 -26.38 27.74 24.64
CA VAL D 159 -26.65 28.95 25.42
C VAL D 159 -26.85 30.11 24.45
N ASN D 160 -28.05 30.69 24.46
CA ASN D 160 -28.41 31.80 23.56
C ASN D 160 -28.13 31.47 22.09
N GLY D 161 -28.49 30.24 21.71
CA GLY D 161 -28.35 29.76 20.35
C GLY D 161 -26.96 29.34 19.91
N LYS D 162 -26.01 29.28 20.83
CA LYS D 162 -24.63 28.85 20.47
C LYS D 162 -24.12 27.71 21.33
N GLU D 163 -23.50 26.73 20.68
CA GLU D 163 -23.08 25.52 21.37
C GLU D 163 -21.97 25.84 22.33
N VAL D 164 -22.08 25.28 23.55
CA VAL D 164 -21.04 25.39 24.58
C VAL D 164 -20.43 24.01 24.83
N HIS D 165 -19.12 24.00 25.02
CA HIS D 165 -18.32 22.80 25.38
C HIS D 165 -17.62 22.93 26.72
N SER D 166 -17.12 24.12 27.02
CA SER D 166 -16.56 24.40 28.34
C SER D 166 -17.59 24.14 29.42
N GLY D 167 -17.17 23.45 30.48
CA GLY D 167 -17.98 23.19 31.64
C GLY D 167 -18.96 22.06 31.44
N VAL D 168 -18.78 21.27 30.38
CA VAL D 168 -19.72 20.20 30.03
C VAL D 168 -19.06 18.86 30.25
N CYS D 169 -19.84 17.89 30.71
CA CYS D 169 -19.44 16.52 30.50
C CYS D 169 -20.67 15.61 30.43
N THR D 170 -20.62 14.70 29.48
CA THR D 170 -21.73 13.81 29.18
C THR D 170 -21.25 12.39 29.42
N ASP D 171 -22.10 11.56 30.04
CA ASP D 171 -21.78 10.15 30.29
C ASP D 171 -21.16 9.54 29.02
N PRO D 172 -20.06 8.76 29.15
CA PRO D 172 -19.44 8.15 27.95
C PRO D 172 -20.38 7.24 27.17
N GLN D 173 -21.29 6.58 27.87
CA GLN D 173 -22.29 5.71 27.24
C GLN D 173 -23.63 5.79 27.98
N PRO D 174 -24.75 5.60 27.24
CA PRO D 174 -26.05 5.48 27.89
C PRO D 174 -26.14 4.26 28.80
N LEU D 175 -26.91 4.37 29.87
CA LEU D 175 -27.20 3.23 30.74
C LEU D 175 -28.53 2.59 30.35
N LYS D 176 -28.63 1.28 30.52
CA LYS D 176 -29.87 0.54 30.27
C LYS D 176 -30.89 0.75 31.38
N GLU D 177 -32.14 1.00 31.01
CA GLU D 177 -33.20 1.26 31.98
C GLU D 177 -33.76 -0.03 32.60
N GLN D 178 -33.75 -1.10 31.81
CA GLN D 178 -34.09 -2.46 32.25
C GLN D 178 -32.91 -3.39 31.88
N PRO D 179 -31.82 -3.40 32.68
CA PRO D 179 -30.61 -4.16 32.29
C PRO D 179 -30.81 -5.66 32.01
N ALA D 180 -31.85 -6.25 32.60
CA ALA D 180 -32.23 -7.64 32.31
C ALA D 180 -32.68 -7.85 30.86
N LEU D 181 -33.57 -6.97 30.39
CA LEU D 181 -34.23 -7.13 29.09
C LEU D 181 -33.25 -6.91 27.93
N ASN D 182 -33.40 -7.73 26.87
CA ASN D 182 -32.45 -7.77 25.75
C ASN D 182 -32.50 -6.51 24.89
N ASP D 183 -33.70 -5.95 24.74
CA ASP D 183 -33.91 -4.71 23.98
C ASP D 183 -34.36 -3.58 24.91
N SER D 184 -33.61 -3.42 26.01
CA SER D 184 -33.86 -2.39 27.01
C SER D 184 -33.72 -1.01 26.38
N ARG D 185 -34.58 -0.10 26.81
CA ARG D 185 -34.45 1.30 26.47
C ARG D 185 -33.29 1.91 27.27
N TYR D 186 -32.80 3.07 26.81
CA TYR D 186 -31.64 3.72 27.40
C TYR D 186 -31.94 5.09 27.98
N SER D 187 -31.15 5.44 29.00
CA SER D 187 -31.08 6.80 29.53
C SER D 187 -29.67 7.34 29.38
N LEU D 188 -29.55 8.66 29.33
CA LEU D 188 -28.26 9.34 29.22
C LEU D 188 -28.37 10.64 29.98
N SER D 189 -27.30 11.01 30.71
CA SER D 189 -27.28 12.27 31.43
C SER D 189 -26.06 13.09 31.06
N SER D 190 -26.17 14.39 31.26
CA SER D 190 -25.09 15.31 31.01
C SER D 190 -25.18 16.46 31.99
N ARG D 191 -24.04 17.08 32.28
CA ARG D 191 -23.98 18.24 33.14
C ARG D 191 -23.41 19.42 32.37
N LEU D 192 -23.96 20.60 32.64
CA LEU D 192 -23.36 21.86 32.23
C LEU D 192 -23.23 22.71 33.49
N ARG D 193 -22.00 23.07 33.84
CA ARG D 193 -21.73 23.85 35.03
C ARG D 193 -21.21 25.20 34.64
N VAL D 194 -21.82 26.23 35.19
CA VAL D 194 -21.49 27.62 34.90
C VAL D 194 -21.35 28.35 36.24
N SER D 195 -20.83 29.58 36.21
CA SER D 195 -20.77 30.44 37.41
C SER D 195 -22.18 30.83 37.84
N ALA D 196 -22.39 30.98 39.14
CA ALA D 196 -23.70 31.36 39.70
C ALA D 196 -24.26 32.59 39.01
N THR D 197 -23.41 33.59 38.78
CA THR D 197 -23.84 34.85 38.16
C THR D 197 -24.35 34.69 36.72
N PHE D 198 -23.80 33.70 36.01
CA PHE D 198 -24.23 33.43 34.63
C PHE D 198 -25.62 32.78 34.65
N TRP D 199 -25.80 31.79 35.53
CA TRP D 199 -27.11 31.17 35.73
C TRP D 199 -28.14 32.17 36.28
N GLN D 200 -27.70 33.10 37.12
CA GLN D 200 -28.64 34.07 37.72
C GLN D 200 -29.14 35.14 36.74
N ASN D 201 -28.44 35.33 35.62
CA ASN D 201 -28.83 36.28 34.60
C ASN D 201 -30.04 35.77 33.78
N PRO D 202 -31.21 36.42 33.91
CA PRO D 202 -32.43 35.93 33.25
C PRO D 202 -32.50 36.18 31.73
N ARG D 203 -31.47 36.80 31.17
CA ARG D 203 -31.34 36.93 29.73
C ARG D 203 -30.64 35.73 29.09
N ASN D 204 -30.06 34.84 29.90
CA ASN D 204 -29.47 33.61 29.38
C ASN D 204 -30.47 32.49 29.25
N HIS D 205 -30.56 31.95 28.03
CA HIS D 205 -31.43 30.84 27.69
C HIS D 205 -30.59 29.58 27.52
N PHE D 206 -30.86 28.57 28.34
CA PHE D 206 -30.11 27.31 28.34
C PHE D 206 -30.93 26.24 27.65
N ARG D 207 -30.30 25.47 26.76
CA ARG D 207 -30.99 24.38 26.08
C ARG D 207 -30.12 23.12 25.98
N CYS D 208 -30.70 22.00 26.40
CA CYS D 208 -30.11 20.70 26.20
C CYS D 208 -30.79 20.08 24.99
N GLN D 209 -30.01 19.68 24.00
CA GLN D 209 -30.51 19.12 22.75
C GLN D 209 -30.04 17.67 22.57
N VAL D 210 -30.98 16.78 22.26
CA VAL D 210 -30.63 15.40 21.91
C VAL D 210 -31.02 15.13 20.46
N GLN D 211 -30.02 14.91 19.61
CA GLN D 211 -30.26 14.46 18.25
C GLN D 211 -30.39 12.94 18.32
N PHE D 212 -31.57 12.44 17.97
CA PHE D 212 -31.87 11.01 17.98
C PHE D 212 -31.81 10.50 16.54
N TYR D 213 -31.17 9.34 16.35
CA TYR D 213 -31.09 8.71 15.05
C TYR D 213 -31.99 7.50 15.08
N GLY D 214 -32.97 7.48 14.18
CA GLY D 214 -33.95 6.40 14.09
C GLY D 214 -34.33 6.15 12.64
N LEU D 215 -35.63 6.13 12.37
CA LEU D 215 -36.13 5.78 11.03
C LEU D 215 -36.05 6.95 10.06
N SER D 216 -35.84 6.63 8.79
CA SER D 216 -35.96 7.61 7.72
C SER D 216 -37.43 7.69 7.30
N GLU D 217 -37.71 8.64 6.39
CA GLU D 217 -39.05 8.78 5.79
C GLU D 217 -39.54 7.48 5.14
N ASN D 218 -38.62 6.74 4.52
CA ASN D 218 -38.95 5.62 3.63
C ASN D 218 -39.06 4.26 4.33
N ASP D 219 -38.69 4.18 5.62
CA ASP D 219 -38.77 2.93 6.36
C ASP D 219 -40.23 2.57 6.67
N GLU D 220 -40.54 1.28 6.64
CA GLU D 220 -41.89 0.79 6.92
C GLU D 220 -42.20 0.96 8.40
N TRP D 221 -43.44 1.33 8.71
CA TRP D 221 -43.92 1.36 10.09
C TRP D 221 -45.34 0.79 10.18
N THR D 222 -45.49 -0.28 10.95
CA THR D 222 -46.75 -1.00 11.07
C THR D 222 -47.50 -0.76 12.40
N GLN D 223 -46.79 -0.28 13.42
CA GLN D 223 -47.39 -0.06 14.74
C GLN D 223 -48.29 1.16 14.78
N ASP D 224 -49.16 1.18 15.79
CA ASP D 224 -50.14 2.26 15.99
C ASP D 224 -49.44 3.57 16.37
N ARG D 225 -48.46 3.48 17.28
CA ARG D 225 -47.73 4.67 17.77
C ARG D 225 -46.99 5.45 16.68
N ALA D 226 -46.60 6.68 17.03
CA ALA D 226 -45.90 7.58 16.11
C ALA D 226 -44.60 6.97 15.60
N LYS D 227 -44.34 7.15 14.31
CA LYS D 227 -43.15 6.61 13.66
C LYS D 227 -41.90 7.21 14.29
N PRO D 228 -41.01 6.37 14.85
CA PRO D 228 -39.87 6.88 15.62
C PRO D 228 -38.70 7.32 14.71
N VAL D 229 -38.95 8.41 13.98
CA VAL D 229 -38.02 8.96 13.00
C VAL D 229 -36.85 9.68 13.67
N THR D 230 -35.75 9.78 12.93
CA THR D 230 -34.65 10.67 13.23
C THR D 230 -35.17 12.08 13.49
N GLN D 231 -34.79 12.66 14.64
CA GLN D 231 -35.38 13.92 15.13
C GLN D 231 -34.59 14.47 16.30
N ILE D 232 -34.84 15.74 16.58
CA ILE D 232 -34.28 16.45 17.73
C ILE D 232 -35.35 16.57 18.81
N VAL D 233 -34.99 16.25 20.05
CA VAL D 233 -35.82 16.51 21.24
C VAL D 233 -34.98 17.33 22.19
N SER D 234 -35.57 18.40 22.75
CA SER D 234 -34.81 19.30 23.63
C SER D 234 -35.65 19.77 24.78
N ALA D 235 -34.96 20.32 25.77
CA ALA D 235 -35.57 20.92 26.94
C ALA D 235 -34.76 22.18 27.23
N GLU D 236 -35.43 23.20 27.74
CA GLU D 236 -34.84 24.50 27.93
C GLU D 236 -35.27 25.14 29.24
N ALA D 237 -34.53 26.17 29.64
CA ALA D 237 -34.84 26.99 30.79
C ALA D 237 -34.04 28.30 30.75
N TRP D 238 -34.63 29.36 31.28
CA TRP D 238 -33.95 30.63 31.42
C TRP D 238 -33.32 30.72 32.79
N GLY D 239 -32.21 31.44 32.88
CA GLY D 239 -31.65 31.82 34.17
C GLY D 239 -32.60 32.64 35.03
N ARG D 240 -32.30 32.76 36.32
CA ARG D 240 -33.12 33.54 37.28
C ARG D 240 -32.35 33.90 38.54
N ALA D 241 -32.69 35.04 39.14
CA ALA D 241 -32.04 35.54 40.36
C ALA D 241 -32.04 34.53 41.51
C1 NAG E . 6.32 -15.09 -9.85
C2 NAG E . 5.18 -16.11 -9.88
C3 NAG E . 4.05 -15.67 -8.95
C4 NAG E . 4.59 -15.34 -7.56
C5 NAG E . 5.78 -14.38 -7.62
C6 NAG E . 6.43 -14.17 -6.25
C7 NAG E . 4.61 -17.36 -11.92
C8 NAG E . 3.94 -17.29 -13.26
N2 NAG E . 4.61 -16.25 -11.19
O3 NAG E . 3.08 -16.72 -8.88
O4 NAG E . 3.52 -14.80 -6.76
O5 NAG E . 6.78 -14.88 -8.51
O6 NAG E . 7.16 -15.34 -5.86
O7 NAG E . 5.11 -18.41 -11.54
C1 NAG E . 3.19 -15.65 -5.65
C2 NAG E . 2.52 -14.80 -4.58
C3 NAG E . 1.89 -15.64 -3.46
C4 NAG E . 1.13 -16.85 -4.00
C5 NAG E . 2.02 -17.62 -4.97
C6 NAG E . 1.38 -18.91 -5.52
C7 NAG E . 3.60 -12.64 -4.08
C8 NAG E . 4.78 -11.98 -3.38
N2 NAG E . 3.55 -13.96 -3.98
O3 NAG E . 1.03 -14.78 -2.71
O4 NAG E . 0.75 -17.66 -2.87
O5 NAG E . 2.37 -16.75 -6.04
O6 NAG E . 0.62 -18.65 -6.70
O7 NAG E . 2.77 -11.98 -4.69
C1 NAG F . 22.95 11.86 -9.63
C2 NAG F . 22.71 13.06 -8.73
C3 NAG F . 21.75 14.02 -9.41
C4 NAG F . 22.28 14.45 -10.79
C5 NAG F . 22.68 13.21 -11.64
C6 NAG F . 23.53 13.41 -12.91
C7 NAG F . 22.99 12.25 -6.44
C8 NAG F . 22.30 11.88 -5.16
N2 NAG F . 22.20 12.66 -7.44
O3 NAG F . 21.52 15.10 -8.51
O4 NAG F . 21.22 15.19 -11.43
O5 NAG F . 23.49 12.34 -10.85
O6 NAG F . 22.78 13.44 -14.15
O7 NAG F . 24.19 12.15 -6.58
C1 NAG F . 21.30 16.63 -11.32
C2 NAG F . 20.51 17.24 -12.49
C3 NAG F . 20.54 18.77 -12.39
C4 NAG F . 19.96 19.19 -11.04
C5 NAG F . 20.84 18.59 -9.95
C6 NAG F . 20.41 19.05 -8.55
C7 NAG F . 20.30 16.52 -14.85
C8 NAG F . 21.06 16.15 -16.09
N2 NAG F . 21.05 16.84 -13.79
O3 NAG F . 19.79 19.36 -13.46
O4 NAG F . 19.90 20.63 -10.95
O5 NAG F . 20.80 17.15 -10.08
O6 NAG F . 20.45 17.99 -7.59
O7 NAG F . 19.08 16.51 -14.86
C1 FUC F . 22.49 12.23 -14.94
C2 FUC F . 23.70 11.47 -15.56
C3 FUC F . 24.06 10.12 -14.90
C4 FUC F . 22.81 9.36 -14.46
C5 FUC F . 22.02 10.29 -13.54
C6 FUC F . 20.89 9.59 -12.81
O2 FUC F . 24.86 12.31 -15.64
O3 FUC F . 24.83 9.26 -15.76
O4 FUC F . 22.02 8.93 -15.58
O5 FUC F . 21.52 11.37 -14.32
C1 NAG G . -4.56 -15.16 -16.31
C2 NAG G . -5.70 -16.18 -16.38
C3 NAG G . -5.16 -17.60 -16.17
C4 NAG G . -4.10 -17.88 -17.23
C5 NAG G . -2.96 -16.86 -17.05
C6 NAG G . -1.80 -17.07 -18.02
C7 NAG G . -7.90 -15.30 -15.62
C8 NAG G . -8.75 -15.05 -14.42
N2 NAG G . -6.70 -15.85 -15.36
O3 NAG G . -6.20 -18.58 -16.23
O4 NAG G . -3.63 -19.23 -17.13
O5 NAG G . -3.50 -15.53 -17.20
O6 NAG G . -2.04 -16.42 -19.28
O7 NAG G . -8.30 -15.03 -16.75
C2 7LP H . 14.02 1.58 -6.10
C1 7LP H . 13.55 1.25 -4.70
O1 7LP H . 10.55 0.12 -11.83
C7 7LP H . 15.99 -0.77 -11.46
C6 7LP H . 15.33 0.27 -10.55
C5 7LP H . 15.51 -0.13 -9.10
C4 7LP H . 14.54 0.68 -8.27
C3 7LP H . 14.74 0.43 -6.77
C20 7LP H . 12.20 0.49 -4.74
O 7LP H . 12.19 -0.72 -4.64
C27 7LP H . 9.76 0.58 -4.75
C28 7LP H . 9.51 0.46 -3.25
O4 7LP H . 9.35 1.80 -2.77
C31 7LP H . 8.95 1.90 -1.40
O9 7LP H . 9.97 1.34 -0.48
C30 7LP H . 11.24 2.07 -0.32
C29 7LP H . 11.90 1.50 0.93
O8 7LP H . 12.39 0.25 0.46
C34 7LP H . 11.01 3.52 -0.08
O7 7LP H . 10.48 3.70 1.22
C33 7LP H . 10.05 4.09 -1.12
O6 7LP H . 9.86 5.44 -0.84
C32 7LP H . 8.71 3.34 -1.07
O5 7LP H . 7.78 3.92 -2.01
C26 7LP H . 8.66 1.37 -5.45
O3 7LP H . 7.47 0.64 -5.22
C25 7LP H . 8.90 1.55 -6.95
O2 7LP H . 7.81 2.34 -7.51
C24 7LP H . 9.05 0.22 -7.68
C23 7LP H . 8.91 0.29 -9.22
C22 7LP H . 9.86 1.33 -9.84
C21 7LP H . 10.04 1.14 -11.39
N1 7LP H . 9.59 2.19 -12.13
C19 7LP H . 9.74 2.41 -13.56
C18 7LP H . 8.82 1.57 -14.42
C17 7LP H . 7.39 2.09 -14.32
C16 7LP H . 6.87 2.70 -15.65
C15 7LP H . 5.53 1.99 -15.87
C14 7LP H . 4.81 2.56 -17.10
C13 7LP H . 3.48 2.00 -17.04
C8 7LP H . 3.18 0.73 -17.55
C9 7LP H . 1.89 0.21 -17.46
C10 7LP H . 0.86 0.93 -16.87
C11 7LP H . 1.14 2.19 -16.34
C12 7LP H . 2.43 2.71 -16.42
N2 7LP H . 11.08 1.22 -4.87
C1 PLM I . 16.54 -6.41 -11.66
O1 PLM I . 15.70 -7.19 -11.19
O2 PLM I . 16.38 -5.72 -12.70
C2 PLM I . 17.81 -6.30 -10.88
C3 PLM I . 18.72 -7.49 -11.12
C4 PLM I . 19.77 -7.58 -10.03
C5 PLM I . 21.16 -7.46 -10.61
C6 PLM I . 22.23 -7.67 -9.54
C7 PLM I . 23.49 -6.88 -9.80
C8 PLM I . 23.42 -5.59 -9.02
C9 PLM I . 24.53 -4.63 -9.40
CA PLM I . 24.34 -3.26 -8.75
CB PLM I . 24.22 -2.11 -9.73
CC PLM I . 22.77 -1.85 -10.12
CD PLM I . 22.67 -0.53 -10.83
CE PLM I . 21.59 -0.51 -11.91
CF PLM I . 20.19 -0.66 -11.31
CG PLM I . 19.54 -1.96 -11.75
#